data_2ZTM
#
_entry.id   2ZTM
#
_cell.length_a   73.793
_cell.length_b   105.926
_cell.length_c   164.495
_cell.angle_alpha   90.00
_cell.angle_beta   90.00
_cell.angle_gamma   90.00
#
_symmetry.space_group_name_H-M   'P 21 21 21'
#
loop_
_entity.id
_entity.type
_entity.pdbx_description
1 polymer 'D(-)-3-hydroxybutyrate dehydrogenase'
2 non-polymer NICOTINAMIDE-ADENINE-DINUCLEOTIDE
3 non-polymer '(3S)-3-HYDROXYBUTANOIC ACID'
4 non-polymer 'MAGNESIUM ION'
5 water water
#
_entity_poly.entity_id   1
_entity_poly.type   'polypeptide(L)'
_entity_poly.pdbx_seq_one_letter_code
;MLKGKVAVVTGSTSGIGLGIATALAAQGADIVLNGFGDAAEIEKVRAGLAAQHGVKVLYDGADLSKGEAVRGLVDNAVRQ
MGRIDILVNNAGIQHTALIEDFPTEKWDAILALNLSAVFHGTAAALPHMKKQGFGRIINIASAHGLVASANKSAYVAAKH
GVVGFTKVTALETAGQGITANAICPGWVRSPLVEKQISALAEKNGVDQETAARELLSEKQPSLQFVTPEQLGGTAVFLAS
DAAAQITGTTVSVDGGWTAR
;
_entity_poly.pdbx_strand_id   A,B,C,D
#
loop_
_chem_comp.id
_chem_comp.type
_chem_comp.name
_chem_comp.formula
3HL non-polymer '(3S)-3-HYDROXYBUTANOIC ACID' 'C4 H8 O3'
MG non-polymer 'MAGNESIUM ION' 'Mg 2'
NAD non-polymer NICOTINAMIDE-ADENINE-DINUCLEOTIDE 'C21 H27 N7 O14 P2'
#
# COMPACT_ATOMS: atom_id res chain seq x y z
N VAL A 6 -23.58 -12.68 -20.91
CA VAL A 6 -24.48 -11.87 -20.04
C VAL A 6 -23.76 -11.12 -18.90
N ALA A 7 -23.86 -9.80 -18.92
CA ALA A 7 -23.22 -8.96 -17.91
C ALA A 7 -24.23 -8.10 -17.14
N VAL A 8 -24.20 -8.19 -15.81
CA VAL A 8 -25.07 -7.39 -14.94
C VAL A 8 -24.25 -6.22 -14.40
N VAL A 9 -24.66 -4.98 -14.69
CA VAL A 9 -23.94 -3.79 -14.22
C VAL A 9 -24.85 -2.94 -13.33
N THR A 10 -24.50 -2.84 -12.04
CA THR A 10 -25.31 -2.07 -11.10
C THR A 10 -25.08 -0.57 -11.28
N GLY A 11 -26.11 0.23 -11.01
CA GLY A 11 -25.98 1.67 -11.16
C GLY A 11 -25.49 2.04 -12.55
N SER A 12 -26.03 1.36 -13.55
CA SER A 12 -25.63 1.59 -14.93
C SER A 12 -26.57 2.47 -15.74
N THR A 13 -27.33 3.34 -15.07
CA THR A 13 -28.24 4.25 -15.77
C THR A 13 -27.62 5.64 -15.84
N SER A 14 -26.43 5.77 -15.28
CA SER A 14 -25.72 7.05 -15.24
C SER A 14 -24.19 6.88 -15.16
N GLY A 15 -23.49 7.97 -15.45
CA GLY A 15 -22.04 8.00 -15.41
C GLY A 15 -21.22 6.76 -15.73
N ILE A 16 -20.36 6.38 -14.80
CA ILE A 16 -19.47 5.25 -14.96
C ILE A 16 -20.17 3.94 -15.32
N GLY A 17 -21.28 3.66 -14.65
CA GLY A 17 -22.01 2.44 -14.93
C GLY A 17 -22.50 2.40 -16.37
N LEU A 18 -23.04 3.51 -16.84
CA LEU A 18 -23.55 3.60 -18.21
C LEU A 18 -22.39 3.38 -19.20
N GLY A 19 -21.23 3.93 -18.87
CA GLY A 19 -20.06 3.78 -19.71
C GLY A 19 -19.62 2.33 -19.80
N ILE A 20 -19.63 1.63 -18.67
CA ILE A 20 -19.23 0.22 -18.67
C ILE A 20 -20.30 -0.67 -19.29
N ALA A 21 -21.57 -0.29 -19.13
CA ALA A 21 -22.67 -1.07 -19.70
C ALA A 21 -22.55 -0.97 -21.22
N THR A 22 -22.44 0.26 -21.69
CA THR A 22 -22.31 0.54 -23.12
C THR A 22 -21.13 -0.22 -23.73
N ALA A 23 -19.94 0.01 -23.19
CA ALA A 23 -18.72 -0.63 -23.69
C ALA A 23 -18.77 -2.15 -23.72
N LEU A 24 -19.57 -2.75 -22.84
CA LEU A 24 -19.70 -4.21 -22.83
C LEU A 24 -20.69 -4.64 -23.89
N ALA A 25 -21.77 -3.86 -24.05
CA ALA A 25 -22.78 -4.18 -25.05
C ALA A 25 -22.05 -4.28 -26.37
N ALA A 26 -21.27 -3.24 -26.66
CA ALA A 26 -20.47 -3.14 -27.89
C ALA A 26 -19.51 -4.31 -28.08
N GLN A 27 -19.45 -5.24 -27.12
CA GLN A 27 -18.57 -6.40 -27.24
C GLN A 27 -19.42 -7.66 -27.45
N GLY A 28 -20.71 -7.44 -27.66
CA GLY A 28 -21.63 -8.54 -27.91
C GLY A 28 -22.29 -9.14 -26.68
N ALA A 29 -22.04 -8.57 -25.51
CA ALA A 29 -22.62 -9.08 -24.28
C ALA A 29 -24.02 -8.54 -24.06
N ASP A 30 -24.90 -9.39 -23.56
CA ASP A 30 -26.28 -8.98 -23.24
C ASP A 30 -26.15 -8.23 -21.92
N ILE A 31 -26.85 -7.11 -21.80
CA ILE A 31 -26.77 -6.30 -20.60
C ILE A 31 -28.04 -6.15 -19.77
N VAL A 32 -27.86 -6.19 -18.45
CA VAL A 32 -28.93 -6.00 -17.50
C VAL A 32 -28.65 -4.65 -16.82
N LEU A 33 -29.36 -3.60 -17.22
CA LEU A 33 -29.16 -2.28 -16.64
C LEU A 33 -29.77 -2.22 -15.24
N ASN A 34 -29.38 -1.21 -14.47
CA ASN A 34 -29.87 -1.04 -13.11
C ASN A 34 -29.55 0.36 -12.65
N GLY A 35 -30.41 0.93 -11.81
CA GLY A 35 -30.15 2.27 -11.35
C GLY A 35 -31.39 3.12 -11.38
N PHE A 36 -31.24 4.38 -11.00
CA PHE A 36 -32.37 5.29 -10.99
C PHE A 36 -32.24 6.45 -11.96
N GLY A 37 -33.13 7.43 -11.82
CA GLY A 37 -33.14 8.56 -12.70
C GLY A 37 -34.52 8.64 -13.34
N ASP A 38 -34.59 9.14 -14.57
CA ASP A 38 -35.87 9.28 -15.26
C ASP A 38 -36.23 8.00 -16.01
N ALA A 39 -37.46 7.52 -15.81
CA ALA A 39 -37.91 6.28 -16.47
C ALA A 39 -37.90 6.37 -17.99
N ALA A 40 -38.45 7.45 -18.55
CA ALA A 40 -38.48 7.63 -20.00
C ALA A 40 -37.06 7.61 -20.58
N GLU A 41 -36.16 8.38 -19.98
CA GLU A 41 -34.77 8.42 -20.44
C GLU A 41 -34.09 7.06 -20.25
N ILE A 42 -34.42 6.35 -19.18
CA ILE A 42 -33.84 5.03 -18.94
C ILE A 42 -34.29 4.02 -20.00
N GLU A 43 -35.56 4.05 -20.37
CA GLU A 43 -36.06 3.12 -21.39
C GLU A 43 -35.39 3.45 -22.73
N LYS A 44 -35.18 4.74 -22.97
CA LYS A 44 -34.54 5.19 -24.20
C LYS A 44 -33.10 4.71 -24.26
N VAL A 45 -32.47 4.50 -23.10
CA VAL A 45 -31.10 4.02 -23.07
C VAL A 45 -31.08 2.51 -23.27
N ARG A 46 -32.04 1.83 -22.65
CA ARG A 46 -32.14 0.38 -22.75
C ARG A 46 -32.41 -0.05 -24.19
N ALA A 47 -33.38 0.62 -24.82
CA ALA A 47 -33.76 0.31 -26.20
C ALA A 47 -32.62 0.66 -27.15
N GLY A 48 -32.05 1.84 -26.97
CA GLY A 48 -30.95 2.27 -27.81
C GLY A 48 -29.82 1.26 -27.85
N LEU A 49 -29.26 0.95 -26.69
CA LEU A 49 -28.15 -0.01 -26.60
C LEU A 49 -28.49 -1.36 -27.22
N ALA A 50 -29.71 -1.81 -27.01
CA ALA A 50 -30.16 -3.10 -27.53
C ALA A 50 -30.28 -3.11 -29.06
N ALA A 51 -30.56 -1.95 -29.63
CA ALA A 51 -30.71 -1.81 -31.08
C ALA A 51 -29.46 -1.26 -31.77
N GLN A 52 -28.56 -0.67 -31.00
CA GLN A 52 -27.33 -0.12 -31.55
C GLN A 52 -26.29 -1.24 -31.60
N HIS A 53 -26.53 -2.29 -30.83
CA HIS A 53 -25.66 -3.47 -30.77
C HIS A 53 -26.62 -4.65 -30.80
N GLY A 54 -26.20 -5.77 -31.38
CA GLY A 54 -27.11 -6.90 -31.47
C GLY A 54 -27.23 -7.70 -30.19
N VAL A 55 -27.74 -7.06 -29.14
CA VAL A 55 -27.86 -7.75 -27.86
C VAL A 55 -29.12 -7.43 -27.07
N LYS A 56 -29.46 -8.34 -26.17
CA LYS A 56 -30.62 -8.19 -25.30
C LYS A 56 -30.25 -7.30 -24.10
N VAL A 57 -31.06 -6.28 -23.86
CA VAL A 57 -30.81 -5.36 -22.75
C VAL A 57 -32.05 -5.27 -21.87
N LEU A 58 -31.90 -5.69 -20.63
CA LEU A 58 -32.99 -5.69 -19.66
C LEU A 58 -32.76 -4.61 -18.60
N TYR A 59 -33.84 -4.13 -17.99
CA TYR A 59 -33.73 -3.15 -16.92
C TYR A 59 -34.37 -3.67 -15.65
N ASP A 60 -33.60 -3.67 -14.56
CA ASP A 60 -34.08 -4.12 -13.26
C ASP A 60 -33.80 -3.00 -12.27
N GLY A 61 -34.83 -2.30 -11.84
CA GLY A 61 -34.66 -1.18 -10.92
C GLY A 61 -34.57 -1.50 -9.44
N ALA A 62 -33.95 -2.62 -9.10
CA ALA A 62 -33.78 -3.00 -7.70
C ALA A 62 -33.01 -1.93 -6.91
N ASP A 63 -33.45 -1.67 -5.68
CA ASP A 63 -32.81 -0.70 -4.79
C ASP A 63 -31.72 -1.47 -4.04
N LEU A 64 -30.48 -1.36 -4.49
CA LEU A 64 -29.35 -2.09 -3.92
C LEU A 64 -28.97 -1.77 -2.48
N SER A 65 -29.73 -0.91 -1.82
CA SER A 65 -29.43 -0.57 -0.43
C SER A 65 -29.99 -1.69 0.46
N LYS A 66 -30.50 -2.74 -0.16
CA LYS A 66 -31.06 -3.88 0.58
C LYS A 66 -30.58 -5.21 0.00
N GLY A 67 -29.86 -5.99 0.82
CA GLY A 67 -29.34 -7.28 0.40
C GLY A 67 -30.22 -8.15 -0.47
N GLU A 68 -31.41 -8.50 0.03
CA GLU A 68 -32.33 -9.34 -0.73
C GLU A 68 -32.56 -8.80 -2.14
N ALA A 69 -32.72 -7.49 -2.27
CA ALA A 69 -32.96 -6.88 -3.56
C ALA A 69 -31.77 -7.07 -4.49
N VAL A 70 -30.56 -7.06 -3.92
CA VAL A 70 -29.34 -7.23 -4.70
C VAL A 70 -29.23 -8.68 -5.17
N ARG A 71 -29.45 -9.62 -4.26
CA ARG A 71 -29.38 -11.02 -4.63
C ARG A 71 -30.50 -11.29 -5.63
N GLY A 72 -31.63 -10.63 -5.43
CA GLY A 72 -32.78 -10.78 -6.31
C GLY A 72 -32.45 -10.33 -7.72
N LEU A 73 -31.66 -9.26 -7.83
CA LEU A 73 -31.27 -8.73 -9.13
C LEU A 73 -30.45 -9.77 -9.90
N VAL A 74 -29.62 -10.51 -9.17
CA VAL A 74 -28.77 -11.51 -9.81
C VAL A 74 -29.52 -12.79 -10.19
N ASP A 75 -30.37 -13.27 -9.31
CA ASP A 75 -31.14 -14.48 -9.60
C ASP A 75 -32.04 -14.24 -10.80
N ASN A 76 -32.73 -13.10 -10.80
CA ASN A 76 -33.63 -12.76 -11.88
C ASN A 76 -32.87 -12.44 -13.16
N ALA A 77 -31.59 -12.10 -13.02
CA ALA A 77 -30.78 -11.79 -14.18
C ALA A 77 -30.41 -13.10 -14.87
N VAL A 78 -30.24 -14.15 -14.07
CA VAL A 78 -29.90 -15.45 -14.61
C VAL A 78 -31.16 -16.10 -15.15
N ARG A 79 -32.26 -15.84 -14.47
CA ARG A 79 -33.55 -16.39 -14.86
C ARG A 79 -34.06 -15.81 -16.17
N GLN A 80 -33.78 -14.53 -16.43
CA GLN A 80 -34.22 -13.88 -17.66
C GLN A 80 -33.20 -13.83 -18.80
N MET A 81 -31.92 -14.04 -18.47
CA MET A 81 -30.86 -14.01 -19.46
C MET A 81 -30.29 -15.41 -19.67
N GLY A 82 -30.64 -16.31 -18.75
CA GLY A 82 -30.18 -17.68 -18.86
C GLY A 82 -28.83 -17.96 -18.21
N ARG A 83 -28.08 -16.90 -17.92
CA ARG A 83 -26.76 -17.03 -17.30
C ARG A 83 -26.21 -15.66 -16.92
N ILE A 84 -25.09 -15.66 -16.20
CA ILE A 84 -24.42 -14.43 -15.80
C ILE A 84 -22.93 -14.66 -15.95
N ASP A 85 -22.30 -13.91 -16.83
CA ASP A 85 -20.88 -14.07 -17.07
C ASP A 85 -20.11 -13.02 -16.29
N ILE A 86 -20.58 -11.79 -16.38
CA ILE A 86 -19.92 -10.66 -15.76
C ILE A 86 -20.81 -9.90 -14.77
N LEU A 87 -20.23 -9.53 -13.63
CA LEU A 87 -20.93 -8.75 -12.61
C LEU A 87 -20.08 -7.53 -12.30
N VAL A 88 -20.58 -6.37 -12.68
CA VAL A 88 -19.89 -5.11 -12.45
C VAL A 88 -20.61 -4.39 -11.31
N ASN A 89 -20.09 -4.53 -10.08
CA ASN A 89 -20.67 -3.87 -8.91
C ASN A 89 -20.18 -2.43 -8.92
N ASN A 90 -21.02 -1.55 -9.46
CA ASN A 90 -20.68 -0.14 -9.62
C ASN A 90 -21.50 0.87 -8.81
N ALA A 91 -22.78 0.59 -8.59
CA ALA A 91 -23.64 1.52 -7.85
C ALA A 91 -22.98 2.05 -6.57
N GLY A 92 -23.06 3.37 -6.39
CA GLY A 92 -22.47 4.01 -5.23
C GLY A 92 -22.96 5.44 -4.99
N ILE A 93 -22.81 5.93 -3.75
CA ILE A 93 -23.22 7.28 -3.39
C ILE A 93 -22.15 7.96 -2.54
N GLN A 94 -22.32 9.25 -2.29
CA GLN A 94 -21.35 10.00 -1.53
C GLN A 94 -22.01 10.99 -0.55
N HIS A 95 -21.25 11.37 0.48
CA HIS A 95 -21.69 12.36 1.46
C HIS A 95 -20.42 12.86 2.15
N THR A 96 -20.29 14.17 2.29
CA THR A 96 -19.12 14.74 2.92
C THR A 96 -19.43 15.53 4.19
N ALA A 97 -18.61 15.30 5.20
CA ALA A 97 -18.74 15.98 6.49
C ALA A 97 -17.63 15.47 7.39
N LEU A 98 -17.29 16.25 8.41
CA LEU A 98 -16.27 15.83 9.35
C LEU A 98 -16.83 14.62 10.08
N ILE A 99 -15.95 13.70 10.44
CA ILE A 99 -16.33 12.49 11.15
C ILE A 99 -17.34 12.75 12.27
N GLU A 100 -17.05 13.72 13.15
CA GLU A 100 -17.95 14.01 14.27
C GLU A 100 -19.31 14.57 13.85
N ASP A 101 -19.42 15.06 12.61
CA ASP A 101 -20.68 15.60 12.11
C ASP A 101 -21.34 14.63 11.13
N PHE A 102 -20.66 13.51 10.85
CA PHE A 102 -21.18 12.54 9.90
C PHE A 102 -22.44 11.87 10.41
N PRO A 103 -23.59 12.10 9.76
CA PRO A 103 -24.86 11.49 10.20
C PRO A 103 -24.79 9.96 10.12
N THR A 104 -25.16 9.30 11.22
CA THR A 104 -25.14 7.84 11.27
C THR A 104 -25.90 7.25 10.09
N GLU A 105 -27.04 7.86 9.78
CA GLU A 105 -27.87 7.44 8.67
C GLU A 105 -27.07 7.46 7.36
N LYS A 106 -26.25 8.50 7.16
CA LYS A 106 -25.44 8.58 5.94
C LYS A 106 -24.33 7.52 5.96
N TRP A 107 -23.77 7.28 7.14
CA TRP A 107 -22.73 6.26 7.28
C TRP A 107 -23.31 4.92 6.87
N ASP A 108 -24.46 4.59 7.45
CA ASP A 108 -25.16 3.33 7.16
C ASP A 108 -25.50 3.17 5.69
N ALA A 109 -25.99 4.24 5.07
CA ALA A 109 -26.38 4.19 3.66
C ALA A 109 -25.17 3.95 2.74
N ILE A 110 -24.07 4.64 3.00
CA ILE A 110 -22.87 4.47 2.19
C ILE A 110 -22.27 3.08 2.36
N LEU A 111 -22.33 2.52 3.57
CA LEU A 111 -21.79 1.18 3.79
C LEU A 111 -22.68 0.11 3.17
N ALA A 112 -24.00 0.31 3.26
CA ALA A 112 -24.94 -0.67 2.71
C ALA A 112 -24.84 -0.73 1.18
N LEU A 113 -24.73 0.43 0.53
CA LEU A 113 -24.65 0.46 -0.92
C LEU A 113 -23.23 0.30 -1.49
N ASN A 114 -22.30 1.10 -1.00
CA ASN A 114 -20.92 1.07 -1.49
C ASN A 114 -20.12 -0.17 -1.12
N LEU A 115 -20.50 -0.86 -0.04
CA LEU A 115 -19.77 -2.06 0.35
C LEU A 115 -20.60 -3.34 0.45
N SER A 116 -21.71 -3.30 1.19
CA SER A 116 -22.53 -4.51 1.36
C SER A 116 -23.18 -5.02 0.06
N ALA A 117 -23.61 -4.11 -0.81
CA ALA A 117 -24.24 -4.51 -2.08
C ALA A 117 -23.23 -5.36 -2.85
N VAL A 118 -21.95 -5.04 -2.69
CA VAL A 118 -20.89 -5.77 -3.37
C VAL A 118 -20.87 -7.22 -2.87
N PHE A 119 -21.08 -7.40 -1.58
CA PHE A 119 -21.08 -8.72 -0.97
C PHE A 119 -22.28 -9.54 -1.45
N HIS A 120 -23.48 -8.97 -1.32
CA HIS A 120 -24.70 -9.65 -1.73
C HIS A 120 -24.69 -10.04 -3.21
N GLY A 121 -24.32 -9.09 -4.07
CA GLY A 121 -24.27 -9.37 -5.48
C GLY A 121 -23.29 -10.47 -5.78
N THR A 122 -22.10 -10.37 -5.20
CA THR A 122 -21.06 -11.37 -5.38
C THR A 122 -21.49 -12.74 -4.91
N ALA A 123 -22.09 -12.77 -3.71
CA ALA A 123 -22.56 -14.02 -3.09
C ALA A 123 -23.63 -14.76 -3.91
N ALA A 124 -24.48 -13.99 -4.61
CA ALA A 124 -25.54 -14.57 -5.43
C ALA A 124 -24.99 -14.99 -6.78
N ALA A 125 -23.99 -14.26 -7.26
CA ALA A 125 -23.38 -14.55 -8.55
C ALA A 125 -22.42 -15.73 -8.55
N LEU A 126 -21.60 -15.84 -7.50
CA LEU A 126 -20.62 -16.90 -7.41
C LEU A 126 -21.12 -18.33 -7.67
N PRO A 127 -22.23 -18.74 -7.04
CA PRO A 127 -22.77 -20.10 -7.24
C PRO A 127 -22.98 -20.43 -8.71
N HIS A 128 -23.45 -19.45 -9.48
CA HIS A 128 -23.71 -19.63 -10.91
C HIS A 128 -22.40 -19.66 -11.68
N MET A 129 -21.46 -18.80 -11.29
CA MET A 129 -20.17 -18.71 -11.95
C MET A 129 -19.28 -19.93 -11.74
N LYS A 130 -19.29 -20.47 -10.53
CA LYS A 130 -18.47 -21.62 -10.22
C LYS A 130 -18.95 -22.83 -11.02
N LYS A 131 -20.24 -23.12 -10.90
CA LYS A 131 -20.84 -24.25 -11.60
C LYS A 131 -20.63 -24.20 -13.11
N GLN A 132 -20.52 -23.01 -13.69
CA GLN A 132 -20.30 -22.87 -15.12
C GLN A 132 -18.82 -22.73 -15.48
N GLY A 133 -17.96 -22.85 -14.49
CA GLY A 133 -16.53 -22.75 -14.71
C GLY A 133 -16.01 -21.43 -15.25
N PHE A 134 -16.84 -20.39 -15.24
CA PHE A 134 -16.40 -19.08 -15.73
C PHE A 134 -16.99 -17.96 -14.88
N GLY A 135 -16.31 -16.82 -14.87
CA GLY A 135 -16.78 -15.69 -14.10
C GLY A 135 -15.87 -14.47 -14.14
N ARG A 136 -16.47 -13.30 -14.12
CA ARG A 136 -15.74 -12.04 -14.13
C ARG A 136 -16.46 -11.05 -13.23
N ILE A 137 -15.89 -10.79 -12.05
CA ILE A 137 -16.45 -9.85 -11.11
C ILE A 137 -15.57 -8.59 -11.12
N ILE A 138 -16.16 -7.48 -11.54
CA ILE A 138 -15.45 -6.21 -11.61
C ILE A 138 -16.07 -5.17 -10.66
N ASN A 139 -15.40 -4.93 -9.55
CA ASN A 139 -15.88 -3.97 -8.56
C ASN A 139 -15.33 -2.57 -8.82
N ILE A 140 -16.21 -1.58 -8.85
CA ILE A 140 -15.77 -0.23 -9.07
C ILE A 140 -15.50 0.41 -7.72
N ALA A 141 -14.23 0.40 -7.32
CA ALA A 141 -13.83 1.00 -6.06
C ALA A 141 -13.55 2.47 -6.31
N SER A 142 -12.29 2.87 -6.09
CA SER A 142 -11.90 4.26 -6.23
C SER A 142 -10.47 4.45 -5.73
N ALA A 143 -9.86 5.57 -6.07
CA ALA A 143 -8.52 5.84 -5.57
C ALA A 143 -8.69 5.86 -4.05
N HIS A 144 -9.92 6.19 -3.63
CA HIS A 144 -10.25 6.26 -2.22
C HIS A 144 -10.40 4.90 -1.57
N GLY A 145 -10.02 3.87 -2.33
CA GLY A 145 -10.03 2.52 -1.81
C GLY A 145 -8.58 2.22 -1.47
N LEU A 146 -7.68 3.12 -1.85
CA LEU A 146 -6.24 2.97 -1.61
C LEU A 146 -5.65 4.12 -0.75
N VAL A 147 -6.20 5.32 -0.87
CA VAL A 147 -5.74 6.45 -0.07
C VAL A 147 -6.98 7.17 0.49
N ALA A 148 -6.76 8.26 1.22
CA ALA A 148 -7.89 8.98 1.81
C ALA A 148 -7.92 10.48 1.57
N SER A 149 -9.08 11.07 1.88
CA SER A 149 -9.34 12.49 1.79
C SER A 149 -10.18 12.82 3.01
N ALA A 150 -10.03 14.03 3.53
CA ALA A 150 -10.78 14.45 4.71
C ALA A 150 -12.27 14.60 4.39
N ASN A 151 -13.12 14.45 5.40
CA ASN A 151 -14.57 14.58 5.23
C ASN A 151 -15.27 13.47 4.44
N LYS A 152 -14.56 12.41 4.09
CA LYS A 152 -15.17 11.31 3.35
C LYS A 152 -14.94 9.97 4.05
N SER A 153 -15.14 9.95 5.36
CA SER A 153 -14.92 8.74 6.13
C SER A 153 -15.70 7.50 5.67
N ALA A 154 -17.02 7.61 5.57
CA ALA A 154 -17.83 6.46 5.14
C ALA A 154 -17.40 5.96 3.77
N TYR A 155 -17.24 6.89 2.84
CA TYR A 155 -16.84 6.55 1.49
C TYR A 155 -15.47 5.86 1.47
N VAL A 156 -14.48 6.46 2.11
CA VAL A 156 -13.15 5.87 2.13
C VAL A 156 -13.15 4.50 2.81
N ALA A 157 -13.90 4.36 3.89
CA ALA A 157 -13.98 3.07 4.57
C ALA A 157 -14.59 2.02 3.64
N ALA A 158 -15.75 2.36 3.07
CA ALA A 158 -16.44 1.45 2.18
C ALA A 158 -15.56 1.05 0.99
N LYS A 159 -14.95 2.03 0.34
CA LYS A 159 -14.11 1.75 -0.82
C LYS A 159 -12.93 0.88 -0.45
N HIS A 160 -12.38 1.08 0.75
CA HIS A 160 -11.26 0.26 1.19
C HIS A 160 -11.85 -1.13 1.42
N GLY A 161 -13.09 -1.17 1.92
CA GLY A 161 -13.74 -2.45 2.14
C GLY A 161 -13.89 -3.23 0.85
N VAL A 162 -14.31 -2.54 -0.21
CA VAL A 162 -14.47 -3.17 -1.50
C VAL A 162 -13.16 -3.78 -1.98
N VAL A 163 -12.06 -3.05 -1.83
CA VAL A 163 -10.76 -3.55 -2.26
C VAL A 163 -10.45 -4.84 -1.49
N GLY A 164 -10.68 -4.80 -0.18
CA GLY A 164 -10.43 -5.97 0.65
C GLY A 164 -11.31 -7.15 0.27
N PHE A 165 -12.61 -6.90 0.10
CA PHE A 165 -13.56 -7.94 -0.26
C PHE A 165 -13.20 -8.52 -1.63
N THR A 166 -12.73 -7.66 -2.54
CA THR A 166 -12.36 -8.09 -3.87
C THR A 166 -11.25 -9.14 -3.79
N LYS A 167 -10.24 -8.87 -2.97
CA LYS A 167 -9.14 -9.80 -2.82
C LYS A 167 -9.61 -11.14 -2.32
N VAL A 168 -10.51 -11.14 -1.33
CA VAL A 168 -11.03 -12.39 -0.77
C VAL A 168 -11.78 -13.20 -1.82
N THR A 169 -12.53 -12.52 -2.66
CA THR A 169 -13.30 -13.14 -3.72
C THR A 169 -12.34 -13.91 -4.64
N ALA A 170 -11.25 -13.25 -5.02
CA ALA A 170 -10.25 -13.85 -5.89
C ALA A 170 -9.64 -15.11 -5.29
N LEU A 171 -9.33 -15.07 -4.00
CA LEU A 171 -8.72 -16.22 -3.36
C LEU A 171 -9.68 -17.40 -3.21
N GLU A 172 -10.96 -17.10 -2.99
CA GLU A 172 -11.97 -18.13 -2.85
C GLU A 172 -12.28 -18.76 -4.21
N THR A 173 -12.00 -18.01 -5.27
CA THR A 173 -12.27 -18.48 -6.62
C THR A 173 -11.01 -18.78 -7.41
N ALA A 174 -9.89 -18.94 -6.70
CA ALA A 174 -8.59 -19.21 -7.32
C ALA A 174 -8.58 -20.38 -8.31
N GLY A 175 -8.33 -20.06 -9.58
CA GLY A 175 -8.26 -21.09 -10.62
C GLY A 175 -9.55 -21.72 -11.13
N GLN A 176 -10.70 -21.37 -10.56
CA GLN A 176 -11.97 -21.94 -10.98
C GLN A 176 -12.54 -21.27 -12.23
N GLY A 177 -11.69 -20.54 -12.95
CA GLY A 177 -12.12 -19.86 -14.16
C GLY A 177 -12.74 -18.52 -13.87
N ILE A 178 -12.72 -18.13 -12.60
CA ILE A 178 -13.29 -16.87 -12.13
C ILE A 178 -12.21 -15.92 -11.59
N THR A 179 -12.35 -14.64 -11.89
CA THR A 179 -11.41 -13.63 -11.41
C THR A 179 -12.17 -12.39 -10.93
N ALA A 180 -11.72 -11.82 -9.81
CA ALA A 180 -12.34 -10.64 -9.24
C ALA A 180 -11.31 -9.53 -9.09
N ASN A 181 -11.63 -8.36 -9.63
CA ASN A 181 -10.73 -7.23 -9.56
C ASN A 181 -11.50 -5.97 -9.23
N ALA A 182 -10.78 -4.87 -8.99
CA ALA A 182 -11.40 -3.61 -8.63
C ALA A 182 -10.74 -2.43 -9.32
N ILE A 183 -11.47 -1.79 -10.22
CA ILE A 183 -10.96 -0.61 -10.90
C ILE A 183 -11.00 0.47 -9.83
N CYS A 184 -10.02 1.36 -9.82
CA CYS A 184 -9.98 2.44 -8.84
C CYS A 184 -9.77 3.76 -9.56
N PRO A 185 -10.87 4.34 -10.07
CA PRO A 185 -10.85 5.60 -10.81
C PRO A 185 -10.52 6.82 -9.96
N GLY A 186 -10.02 7.85 -10.65
CA GLY A 186 -9.73 9.11 -10.00
C GLY A 186 -10.92 9.95 -10.40
N TRP A 187 -10.82 11.27 -10.30
CA TRP A 187 -11.97 12.10 -10.67
C TRP A 187 -12.56 11.75 -12.04
N VAL A 188 -13.89 11.64 -12.08
CA VAL A 188 -14.66 11.37 -13.29
C VAL A 188 -15.77 12.40 -13.17
N ARG A 189 -15.84 13.34 -14.11
CA ARG A 189 -16.83 14.40 -14.01
C ARG A 189 -18.31 13.99 -14.15
N SER A 190 -18.73 13.03 -13.33
CA SER A 190 -20.11 12.56 -13.31
C SER A 190 -20.91 13.48 -12.38
N PRO A 191 -22.22 13.20 -12.20
CA PRO A 191 -22.99 14.07 -11.30
C PRO A 191 -22.49 13.99 -9.85
N LEU A 192 -21.88 12.86 -9.51
CA LEU A 192 -21.34 12.65 -8.15
C LEU A 192 -20.19 13.63 -7.86
N VAL A 193 -19.48 14.05 -8.89
CA VAL A 193 -18.37 14.99 -8.73
C VAL A 193 -18.77 16.43 -9.02
N GLU A 194 -19.78 16.61 -9.87
CA GLU A 194 -20.25 17.95 -10.23
C GLU A 194 -20.81 18.68 -9.02
N LYS A 195 -21.41 17.90 -8.12
CA LYS A 195 -22.00 18.41 -6.88
C LYS A 195 -20.88 18.96 -5.99
N GLN A 196 -19.70 18.33 -6.07
CA GLN A 196 -18.54 18.73 -5.27
C GLN A 196 -17.87 19.94 -5.93
N ILE A 197 -17.79 19.92 -7.25
CA ILE A 197 -17.20 21.03 -7.99
C ILE A 197 -17.99 22.29 -7.60
N SER A 198 -19.31 22.21 -7.64
CA SER A 198 -20.17 23.33 -7.28
C SER A 198 -19.92 23.78 -5.84
N ALA A 199 -19.85 22.81 -4.93
CA ALA A 199 -19.61 23.10 -3.53
C ALA A 199 -18.30 23.85 -3.35
N LEU A 200 -17.29 23.44 -4.12
CA LEU A 200 -15.99 24.09 -4.08
C LEU A 200 -16.08 25.47 -4.70
N ALA A 201 -16.83 25.58 -5.79
CA ALA A 201 -17.00 26.84 -6.50
C ALA A 201 -17.64 27.90 -5.61
N GLU A 202 -18.62 27.51 -4.82
CA GLU A 202 -19.31 28.44 -3.92
C GLU A 202 -18.51 28.69 -2.65
N LYS A 203 -17.70 27.70 -2.26
CA LYS A 203 -16.87 27.81 -1.06
C LYS A 203 -15.86 28.94 -1.18
N ASN A 204 -15.17 28.98 -2.32
CA ASN A 204 -14.15 30.00 -2.53
C ASN A 204 -14.61 31.13 -3.45
N GLY A 205 -15.93 31.28 -3.58
CA GLY A 205 -16.51 32.33 -4.41
C GLY A 205 -15.99 32.46 -5.84
N VAL A 206 -15.51 31.36 -6.42
CA VAL A 206 -15.01 31.41 -7.78
C VAL A 206 -16.03 30.76 -8.72
N ASP A 207 -15.71 30.66 -10.00
CA ASP A 207 -16.65 30.08 -10.97
C ASP A 207 -16.53 28.57 -11.10
N GLN A 208 -17.61 27.95 -11.57
CA GLN A 208 -17.71 26.51 -11.75
C GLN A 208 -16.52 25.84 -12.42
N GLU A 209 -15.89 26.53 -13.35
CA GLU A 209 -14.75 25.97 -14.06
C GLU A 209 -13.39 26.15 -13.39
N THR A 210 -13.29 27.13 -12.51
CA THR A 210 -12.04 27.36 -11.80
C THR A 210 -11.97 26.34 -10.67
N ALA A 211 -13.12 26.05 -10.07
CA ALA A 211 -13.21 25.09 -8.99
C ALA A 211 -12.91 23.71 -9.56
N ALA A 212 -13.41 23.45 -10.76
CA ALA A 212 -13.20 22.16 -11.43
C ALA A 212 -11.71 21.91 -11.60
N ARG A 213 -10.99 22.92 -12.09
CA ARG A 213 -9.56 22.78 -12.30
C ARG A 213 -8.81 22.61 -10.98
N GLU A 214 -9.24 23.32 -9.94
CA GLU A 214 -8.59 23.21 -8.64
C GLU A 214 -8.80 21.82 -8.04
N LEU A 215 -10.06 21.38 -8.01
CA LEU A 215 -10.41 20.07 -7.48
C LEU A 215 -9.63 18.99 -8.21
N LEU A 216 -9.39 19.24 -9.49
CA LEU A 216 -8.66 18.31 -10.33
C LEU A 216 -7.17 18.30 -10.03
N SER A 217 -6.57 19.49 -9.92
CA SER A 217 -5.13 19.58 -9.65
C SER A 217 -4.73 19.12 -8.26
N GLU A 218 -5.65 19.21 -7.31
CA GLU A 218 -5.38 18.79 -5.93
C GLU A 218 -5.06 17.30 -5.86
N LYS A 219 -5.72 16.51 -6.69
CA LYS A 219 -5.58 15.06 -6.67
C LYS A 219 -5.08 14.40 -7.95
N GLN A 220 -5.42 14.98 -9.09
CA GLN A 220 -5.09 14.40 -10.39
C GLN A 220 -3.92 15.06 -11.11
N PRO A 221 -2.76 14.40 -11.11
CA PRO A 221 -1.56 14.93 -11.77
C PRO A 221 -1.78 15.25 -13.26
N SER A 222 -2.34 14.31 -14.01
CA SER A 222 -2.59 14.53 -15.43
C SER A 222 -3.50 15.74 -15.68
N LEU A 223 -4.14 16.23 -14.63
CA LEU A 223 -5.04 17.37 -14.73
C LEU A 223 -6.17 17.13 -15.72
N GLN A 224 -6.48 15.88 -15.97
CA GLN A 224 -7.55 15.53 -16.89
C GLN A 224 -8.48 14.48 -16.28
N PHE A 225 -9.79 14.73 -16.32
CA PHE A 225 -10.77 13.80 -15.78
C PHE A 225 -10.73 12.45 -16.49
N VAL A 226 -11.07 11.40 -15.76
CA VAL A 226 -11.14 10.07 -16.33
C VAL A 226 -12.51 10.02 -16.99
N THR A 227 -12.69 9.12 -17.96
CA THR A 227 -13.97 9.02 -18.65
C THR A 227 -14.64 7.66 -18.53
N PRO A 228 -15.98 7.65 -18.61
CA PRO A 228 -16.76 6.42 -18.51
C PRO A 228 -16.35 5.50 -19.66
N GLU A 229 -16.06 6.09 -20.81
CA GLU A 229 -15.63 5.32 -21.96
C GLU A 229 -14.29 4.66 -21.63
N GLN A 230 -13.36 5.44 -21.08
CA GLN A 230 -12.05 4.90 -20.68
C GLN A 230 -12.28 3.78 -19.67
N LEU A 231 -13.18 4.02 -18.73
CA LEU A 231 -13.48 3.00 -17.72
C LEU A 231 -14.14 1.79 -18.35
N GLY A 232 -14.92 2.02 -19.40
CA GLY A 232 -15.54 0.90 -20.08
C GLY A 232 -14.46 0.07 -20.75
N GLY A 233 -13.50 0.75 -21.36
CA GLY A 233 -12.40 0.05 -22.01
C GLY A 233 -11.65 -0.81 -21.01
N THR A 234 -11.48 -0.29 -19.80
CA THR A 234 -10.77 -1.02 -18.76
C THR A 234 -11.57 -2.24 -18.33
N ALA A 235 -12.89 -2.06 -18.18
CA ALA A 235 -13.75 -3.16 -17.78
C ALA A 235 -13.73 -4.26 -18.84
N VAL A 236 -13.72 -3.86 -20.10
CA VAL A 236 -13.68 -4.82 -21.20
C VAL A 236 -12.37 -5.62 -21.15
N PHE A 237 -11.25 -4.93 -20.91
CA PHE A 237 -9.98 -5.64 -20.85
C PHE A 237 -10.01 -6.69 -19.76
N LEU A 238 -10.42 -6.28 -18.58
CA LEU A 238 -10.51 -7.20 -17.44
C LEU A 238 -11.40 -8.40 -17.78
N ALA A 239 -12.37 -8.17 -18.66
CA ALA A 239 -13.28 -9.25 -19.06
C ALA A 239 -12.58 -10.19 -20.04
N SER A 240 -11.65 -9.65 -20.81
CA SER A 240 -10.89 -10.41 -21.81
C SER A 240 -10.17 -11.65 -21.29
N ASP A 241 -9.59 -12.39 -22.24
CA ASP A 241 -8.86 -13.61 -21.93
C ASP A 241 -7.44 -13.24 -21.53
N ALA A 242 -7.01 -12.06 -21.95
CA ALA A 242 -5.68 -11.57 -21.63
C ALA A 242 -5.56 -11.32 -20.13
N ALA A 243 -6.71 -11.12 -19.47
CA ALA A 243 -6.74 -10.85 -18.05
C ALA A 243 -7.18 -12.07 -17.26
N ALA A 244 -7.03 -13.25 -17.87
CA ALA A 244 -7.41 -14.50 -17.22
C ALA A 244 -6.64 -14.70 -15.93
N GLN A 245 -5.41 -14.20 -15.89
CA GLN A 245 -4.61 -14.35 -14.68
C GLN A 245 -4.43 -13.04 -13.93
N ILE A 246 -5.36 -12.12 -14.14
CA ILE A 246 -5.36 -10.84 -13.44
C ILE A 246 -6.53 -10.99 -12.48
N THR A 247 -6.23 -11.27 -11.22
CA THR A 247 -7.28 -11.47 -10.24
C THR A 247 -6.86 -11.00 -8.84
N GLY A 248 -7.83 -10.50 -8.08
CA GLY A 248 -7.57 -10.03 -6.73
C GLY A 248 -6.63 -8.84 -6.65
N THR A 249 -6.72 -7.96 -7.64
CA THR A 249 -5.85 -6.79 -7.65
C THR A 249 -6.65 -5.53 -7.97
N THR A 250 -5.97 -4.38 -7.90
CA THR A 250 -6.61 -3.10 -8.20
C THR A 250 -5.99 -2.52 -9.45
N VAL A 251 -6.80 -1.84 -10.24
CA VAL A 251 -6.34 -1.21 -11.46
C VAL A 251 -6.70 0.27 -11.36
N SER A 252 -5.70 1.10 -11.07
CA SER A 252 -5.91 2.54 -10.92
C SER A 252 -5.93 3.33 -12.22
N VAL A 253 -7.05 4.02 -12.45
CA VAL A 253 -7.24 4.86 -13.62
C VAL A 253 -7.48 6.23 -13.02
N ASP A 254 -6.44 6.77 -12.40
CA ASP A 254 -6.52 8.05 -11.70
C ASP A 254 -5.53 9.12 -12.15
N GLY A 255 -4.92 8.93 -13.31
CA GLY A 255 -3.98 9.92 -13.81
C GLY A 255 -2.91 10.36 -12.82
N GLY A 256 -2.30 9.40 -12.14
CA GLY A 256 -1.25 9.70 -11.19
C GLY A 256 -1.66 10.04 -9.76
N TRP A 257 -2.96 9.95 -9.46
CA TRP A 257 -3.48 10.26 -8.13
C TRP A 257 -2.74 9.51 -7.04
N THR A 258 -2.70 8.19 -7.16
CA THR A 258 -2.05 7.36 -6.15
C THR A 258 -0.54 7.20 -6.30
N ALA A 259 0.03 7.81 -7.33
CA ALA A 259 1.48 7.71 -7.56
C ALA A 259 2.29 8.66 -6.64
N ARG A 260 1.69 9.78 -6.24
CA ARG A 260 2.38 10.74 -5.38
C ARG A 260 1.81 10.76 -3.95
N LYS B 5 2.22 2.78 -35.36
CA LYS B 5 3.05 3.19 -34.18
C LYS B 5 4.37 2.43 -34.13
N VAL B 6 5.33 2.96 -33.37
CA VAL B 6 6.66 2.35 -33.22
C VAL B 6 6.92 1.95 -31.77
N ALA B 7 7.09 0.66 -31.52
CA ALA B 7 7.35 0.16 -30.17
C ALA B 7 8.71 -0.54 -30.05
N VAL B 8 9.47 -0.15 -29.02
CA VAL B 8 10.79 -0.72 -28.78
C VAL B 8 10.80 -1.64 -27.56
N VAL B 9 10.54 -2.93 -27.79
CA VAL B 9 10.54 -3.91 -26.70
C VAL B 9 11.94 -4.47 -26.46
N THR B 10 12.53 -4.14 -25.32
CA THR B 10 13.86 -4.64 -24.99
C THR B 10 13.77 -6.08 -24.50
N GLY B 11 14.87 -6.80 -24.56
CA GLY B 11 14.87 -8.19 -24.12
C GLY B 11 13.71 -8.96 -24.73
N SER B 12 13.36 -8.62 -25.96
CA SER B 12 12.25 -9.27 -26.67
C SER B 12 12.71 -10.39 -27.60
N THR B 13 13.93 -10.88 -27.37
CA THR B 13 14.46 -11.96 -28.19
C THR B 13 13.85 -13.30 -27.78
N SER B 14 13.33 -13.35 -26.55
CA SER B 14 12.72 -14.58 -26.06
C SER B 14 11.69 -14.29 -24.97
N GLY B 15 11.23 -15.35 -24.32
CA GLY B 15 10.25 -15.23 -23.25
C GLY B 15 9.24 -14.10 -23.32
N ILE B 16 8.95 -13.51 -22.17
CA ILE B 16 7.99 -12.43 -22.04
C ILE B 16 8.13 -11.30 -23.07
N GLY B 17 9.35 -10.82 -23.28
CA GLY B 17 9.56 -9.75 -24.23
C GLY B 17 9.07 -10.12 -25.62
N LEU B 18 9.18 -11.40 -25.96
CA LEU B 18 8.75 -11.92 -27.25
C LEU B 18 7.23 -11.82 -27.34
N GLY B 19 6.57 -12.23 -26.27
CA GLY B 19 5.12 -12.19 -26.23
C GLY B 19 4.63 -10.77 -26.43
N ILE B 20 5.27 -9.83 -25.75
CA ILE B 20 4.89 -8.42 -25.87
C ILE B 20 5.18 -7.91 -27.27
N ALA B 21 6.32 -8.30 -27.83
CA ALA B 21 6.70 -7.89 -29.17
C ALA B 21 5.65 -8.40 -30.16
N THR B 22 5.28 -9.66 -29.99
CA THR B 22 4.29 -10.32 -30.84
C THR B 22 2.96 -9.57 -30.83
N ALA B 23 2.38 -9.42 -29.64
CA ALA B 23 1.10 -8.73 -29.47
C ALA B 23 1.06 -7.32 -30.08
N LEU B 24 2.13 -6.55 -29.89
CA LEU B 24 2.17 -5.19 -30.43
C LEU B 24 2.23 -5.26 -31.95
N ALA B 25 2.63 -6.41 -32.47
CA ALA B 25 2.73 -6.59 -33.92
C ALA B 25 1.31 -6.71 -34.46
N ALA B 26 0.56 -7.66 -33.89
CA ALA B 26 -0.82 -7.91 -34.28
C ALA B 26 -1.68 -6.65 -34.30
N GLN B 27 -1.27 -5.63 -33.56
CA GLN B 27 -2.02 -4.38 -33.52
C GLN B 27 -1.53 -3.34 -34.52
N GLY B 28 -0.61 -3.76 -35.37
CA GLY B 28 -0.09 -2.84 -36.39
C GLY B 28 0.95 -1.83 -35.94
N ALA B 29 1.90 -2.27 -35.13
CA ALA B 29 2.95 -1.39 -34.65
C ALA B 29 4.30 -1.88 -35.16
N ASP B 30 5.17 -0.94 -35.54
CA ASP B 30 6.49 -1.31 -36.04
C ASP B 30 7.41 -1.69 -34.88
N ILE B 31 7.64 -2.99 -34.72
CA ILE B 31 8.48 -3.53 -33.66
C ILE B 31 9.98 -3.28 -33.87
N VAL B 32 10.67 -2.94 -32.79
CA VAL B 32 12.12 -2.71 -32.80
C VAL B 32 12.69 -3.71 -31.81
N LEU B 33 12.82 -4.96 -32.23
CA LEU B 33 13.33 -6.03 -31.37
C LEU B 33 14.68 -5.71 -30.72
N ASN B 34 15.03 -6.50 -29.72
CA ASN B 34 16.29 -6.33 -28.97
C ASN B 34 16.60 -7.61 -28.19
N GLY B 35 17.81 -7.70 -27.65
CA GLY B 35 18.19 -8.86 -26.89
C GLY B 35 19.37 -9.60 -27.48
N PHE B 36 19.51 -10.87 -27.14
CA PHE B 36 20.59 -11.71 -27.65
C PHE B 36 20.03 -12.90 -28.41
N GLY B 48 10.26 -12.64 -40.21
CA GLY B 48 9.16 -13.55 -39.90
C GLY B 48 7.94 -12.80 -39.40
N LEU B 49 8.10 -12.12 -38.26
CA LEU B 49 7.01 -11.36 -37.67
C LEU B 49 6.71 -10.16 -38.56
N ALA B 50 7.75 -9.69 -39.26
CA ALA B 50 7.61 -8.54 -40.14
C ALA B 50 6.67 -8.86 -41.30
N ALA B 51 6.54 -10.15 -41.63
CA ALA B 51 5.68 -10.59 -42.71
C ALA B 51 4.38 -11.14 -42.18
N GLN B 52 4.47 -11.91 -41.10
CA GLN B 52 3.30 -12.51 -40.48
C GLN B 52 2.33 -11.46 -39.95
N HIS B 53 2.79 -10.22 -39.84
CA HIS B 53 1.93 -9.15 -39.33
C HIS B 53 1.94 -7.89 -40.19
N GLY B 54 2.84 -7.82 -41.15
CA GLY B 54 2.89 -6.66 -42.01
C GLY B 54 3.41 -5.41 -41.32
N VAL B 55 4.57 -5.52 -40.71
CA VAL B 55 5.20 -4.40 -40.00
C VAL B 55 6.71 -4.43 -40.17
N LYS B 56 7.35 -3.26 -40.01
CA LYS B 56 8.79 -3.15 -40.13
C LYS B 56 9.48 -3.61 -38.85
N VAL B 57 9.88 -4.87 -38.81
CA VAL B 57 10.54 -5.44 -37.63
C VAL B 57 12.06 -5.40 -37.74
N LEU B 58 12.69 -4.56 -36.93
CA LEU B 58 14.14 -4.42 -36.90
C LEU B 58 14.73 -5.18 -35.71
N TYR B 59 16.06 -5.25 -35.66
CA TYR B 59 16.76 -5.92 -34.57
C TYR B 59 17.98 -5.08 -34.21
N ASP B 60 18.20 -4.92 -32.91
CA ASP B 60 19.31 -4.16 -32.37
C ASP B 60 19.76 -4.95 -31.14
N GLY B 61 20.86 -5.70 -31.27
CA GLY B 61 21.35 -6.50 -30.16
C GLY B 61 22.10 -5.73 -29.09
N ALA B 62 22.01 -4.41 -29.12
CA ALA B 62 22.70 -3.56 -28.14
C ALA B 62 22.55 -4.09 -26.71
N ASP B 63 23.67 -4.36 -26.06
CA ASP B 63 23.67 -4.86 -24.68
C ASP B 63 23.28 -3.74 -23.72
N LEU B 64 22.08 -3.86 -23.14
CA LEU B 64 21.54 -2.86 -22.24
C LEU B 64 22.20 -2.77 -20.85
N SER B 65 23.20 -3.61 -20.60
CA SER B 65 23.89 -3.60 -19.32
C SER B 65 24.89 -2.45 -19.34
N LYS B 66 24.70 -1.54 -20.30
CA LYS B 66 25.56 -0.38 -20.45
C LYS B 66 24.68 0.80 -20.84
N GLY B 67 24.60 1.79 -19.95
CA GLY B 67 23.78 2.96 -20.19
C GLY B 67 23.90 3.58 -21.58
N GLU B 68 25.09 3.51 -22.17
CA GLU B 68 25.33 4.06 -23.50
C GLU B 68 24.58 3.24 -24.56
N ALA B 69 24.71 1.92 -24.49
CA ALA B 69 24.04 1.02 -25.42
C ALA B 69 22.54 1.24 -25.40
N VAL B 70 21.99 1.36 -24.18
CA VAL B 70 20.56 1.59 -23.99
C VAL B 70 20.14 2.93 -24.59
N ARG B 71 20.74 4.01 -24.12
CA ARG B 71 20.40 5.34 -24.64
C ARG B 71 20.54 5.36 -26.16
N GLY B 72 21.37 4.45 -26.68
CA GLY B 72 21.59 4.36 -28.11
C GLY B 72 20.48 3.59 -28.80
N LEU B 73 20.18 2.39 -28.30
CA LEU B 73 19.13 1.55 -28.86
C LEU B 73 17.84 2.33 -29.08
N VAL B 74 17.63 3.36 -28.26
CA VAL B 74 16.44 4.20 -28.36
C VAL B 74 16.52 5.11 -29.58
N ASP B 75 17.48 6.02 -29.57
CA ASP B 75 17.64 6.95 -30.68
C ASP B 75 17.89 6.23 -32.00
N ASN B 76 18.41 5.00 -31.90
CA ASN B 76 18.70 4.19 -33.09
C ASN B 76 17.40 3.81 -33.78
N ALA B 77 16.28 3.99 -33.07
CA ALA B 77 14.97 3.69 -33.62
C ALA B 77 14.27 4.97 -34.06
N VAL B 78 14.68 6.10 -33.47
CA VAL B 78 14.09 7.39 -33.82
C VAL B 78 14.56 7.80 -35.21
N ARG B 79 15.61 7.15 -35.69
CA ARG B 79 16.16 7.45 -37.01
C ARG B 79 15.89 6.32 -38.01
N GLN B 80 15.94 5.07 -37.54
CA GLN B 80 15.66 3.92 -38.41
C GLN B 80 14.16 3.64 -38.53
N MET B 81 13.39 4.13 -37.56
CA MET B 81 11.94 3.97 -37.57
C MET B 81 11.29 5.33 -37.74
N GLY B 82 12.08 6.38 -37.51
CA GLY B 82 11.57 7.74 -37.65
C GLY B 82 10.63 8.18 -36.55
N ARG B 83 10.28 7.25 -35.66
CA ARG B 83 9.36 7.58 -34.57
C ARG B 83 9.45 6.62 -33.39
N ILE B 84 9.03 7.10 -32.21
CA ILE B 84 9.02 6.32 -30.98
C ILE B 84 7.72 6.59 -30.23
N ASP B 85 6.90 5.55 -30.07
CA ASP B 85 5.62 5.70 -29.38
C ASP B 85 5.49 4.81 -28.15
N ILE B 86 6.01 3.59 -28.26
CA ILE B 86 5.93 2.63 -27.17
C ILE B 86 7.28 2.03 -26.81
N LEU B 87 7.66 2.17 -25.54
CA LEU B 87 8.94 1.63 -25.05
C LEU B 87 8.64 0.59 -23.97
N VAL B 88 9.08 -0.64 -24.22
CA VAL B 88 8.85 -1.70 -23.26
C VAL B 88 10.14 -2.21 -22.63
N ASN B 89 10.49 -1.63 -21.49
CA ASN B 89 11.70 -2.02 -20.76
C ASN B 89 11.40 -3.38 -20.09
N ASN B 90 11.75 -4.45 -20.79
CA ASN B 90 11.49 -5.80 -20.31
C ASN B 90 12.70 -6.61 -19.83
N ALA B 91 13.84 -6.41 -20.48
CA ALA B 91 15.06 -7.15 -20.14
C ALA B 91 15.54 -7.09 -18.69
N GLY B 92 15.84 -8.26 -18.12
CA GLY B 92 16.31 -8.34 -16.75
C GLY B 92 16.79 -9.73 -16.39
N ILE B 93 17.74 -9.83 -15.47
CA ILE B 93 18.25 -11.14 -15.06
C ILE B 93 17.99 -11.46 -13.60
N GLN B 94 18.23 -12.71 -13.23
CA GLN B 94 17.99 -13.17 -11.87
C GLN B 94 19.15 -13.99 -11.31
N HIS B 95 19.35 -13.87 -9.99
CA HIS B 95 20.39 -14.61 -9.28
C HIS B 95 19.92 -14.84 -7.85
N THR B 96 19.88 -16.10 -7.43
CA THR B 96 19.45 -16.46 -6.09
C THR B 96 20.62 -16.75 -5.16
N ALA B 97 20.58 -16.15 -3.98
CA ALA B 97 21.64 -16.31 -2.97
C ALA B 97 21.33 -15.45 -1.75
N LEU B 98 21.66 -15.95 -0.56
CA LEU B 98 21.43 -15.19 0.66
C LEU B 98 22.12 -13.83 0.52
N ILE B 99 21.70 -12.86 1.31
CA ILE B 99 22.27 -11.52 1.24
C ILE B 99 23.78 -11.51 1.51
N GLU B 100 24.21 -12.21 2.56
CA GLU B 100 25.63 -12.24 2.88
C GLU B 100 26.46 -12.98 1.81
N ASP B 101 25.88 -14.02 1.21
CA ASP B 101 26.56 -14.81 0.19
C ASP B 101 26.29 -14.30 -1.22
N PHE B 102 25.62 -13.17 -1.31
CA PHE B 102 25.30 -12.63 -2.62
C PHE B 102 26.49 -11.92 -3.25
N PRO B 103 26.97 -12.40 -4.41
CA PRO B 103 28.11 -11.81 -5.11
C PRO B 103 27.90 -10.33 -5.45
N THR B 104 28.82 -9.48 -5.00
CA THR B 104 28.72 -8.05 -5.29
C THR B 104 28.66 -7.85 -6.81
N GLU B 105 29.27 -8.79 -7.54
CA GLU B 105 29.30 -8.73 -8.99
C GLU B 105 27.88 -8.86 -9.53
N LYS B 106 27.16 -9.86 -9.05
CA LYS B 106 25.79 -10.09 -9.48
C LYS B 106 24.89 -8.94 -9.04
N TRP B 107 25.01 -8.52 -7.78
CA TRP B 107 24.19 -7.42 -7.26
C TRP B 107 24.20 -6.27 -8.25
N ASP B 108 25.39 -5.81 -8.63
CA ASP B 108 25.52 -4.71 -9.57
C ASP B 108 25.05 -5.08 -10.97
N ALA B 109 25.05 -6.37 -11.26
CA ALA B 109 24.59 -6.84 -12.56
C ALA B 109 23.07 -6.71 -12.58
N ILE B 110 22.41 -7.33 -11.61
CA ILE B 110 20.95 -7.27 -11.50
C ILE B 110 20.46 -5.83 -11.47
N LEU B 111 21.16 -4.95 -10.74
CA LEU B 111 20.75 -3.55 -10.66
C LEU B 111 21.05 -2.80 -11.96
N ALA B 112 22.14 -3.19 -12.62
CA ALA B 112 22.54 -2.54 -13.87
C ALA B 112 21.47 -2.72 -14.95
N LEU B 113 21.07 -3.96 -15.19
CA LEU B 113 20.06 -4.26 -16.19
C LEU B 113 18.65 -3.95 -15.67
N ASN B 114 18.17 -4.82 -14.78
CA ASN B 114 16.84 -4.72 -14.18
C ASN B 114 16.36 -3.32 -13.79
N LEU B 115 17.26 -2.49 -13.28
CA LEU B 115 16.86 -1.14 -12.85
C LEU B 115 17.43 0.01 -13.67
N SER B 116 18.76 0.12 -13.71
CA SER B 116 19.41 1.21 -14.44
C SER B 116 19.07 1.28 -15.93
N ALA B 117 18.89 0.12 -16.56
CA ALA B 117 18.55 0.09 -17.99
C ALA B 117 17.23 0.80 -18.25
N VAL B 118 16.29 0.67 -17.32
CA VAL B 118 14.98 1.30 -17.44
C VAL B 118 15.12 2.82 -17.42
N PHE B 119 15.98 3.31 -16.52
CA PHE B 119 16.23 4.75 -16.40
C PHE B 119 16.93 5.32 -17.63
N HIS B 120 17.82 4.52 -18.22
CA HIS B 120 18.54 4.96 -19.41
C HIS B 120 17.59 4.97 -20.61
N GLY B 121 16.89 3.86 -20.80
CA GLY B 121 15.95 3.78 -21.92
C GLY B 121 14.90 4.86 -21.82
N THR B 122 14.38 5.06 -20.61
CA THR B 122 13.37 6.08 -20.35
C THR B 122 13.91 7.48 -20.58
N ALA B 123 15.17 7.69 -20.18
CA ALA B 123 15.81 8.99 -20.34
C ALA B 123 15.98 9.33 -21.81
N ALA B 124 16.13 8.29 -22.63
CA ALA B 124 16.32 8.48 -24.06
C ALA B 124 14.99 8.55 -24.82
N ALA B 125 13.94 8.00 -24.22
CA ALA B 125 12.63 8.00 -24.85
C ALA B 125 11.83 9.29 -24.66
N LEU B 126 11.72 9.74 -23.41
CA LEU B 126 10.95 10.94 -23.08
C LEU B 126 11.13 12.18 -23.96
N PRO B 127 12.37 12.54 -24.31
CA PRO B 127 12.58 13.73 -25.15
C PRO B 127 11.76 13.73 -26.44
N HIS B 128 11.65 12.57 -27.07
CA HIS B 128 10.90 12.43 -28.32
C HIS B 128 9.39 12.37 -28.08
N MET B 129 8.98 11.59 -27.07
CA MET B 129 7.58 11.46 -26.73
C MET B 129 6.96 12.81 -26.36
N LYS B 130 7.71 13.61 -25.61
CA LYS B 130 7.22 14.92 -25.21
C LYS B 130 7.06 15.78 -26.47
N LYS B 131 7.99 15.63 -27.40
CA LYS B 131 7.95 16.39 -28.65
C LYS B 131 6.71 15.98 -29.45
N GLN B 132 6.50 14.68 -29.57
CA GLN B 132 5.36 14.14 -30.30
C GLN B 132 4.05 14.49 -29.59
N GLY B 133 4.04 14.36 -28.27
CA GLY B 133 2.84 14.62 -27.49
C GLY B 133 2.14 13.31 -27.22
N PHE B 134 2.89 12.22 -27.32
CA PHE B 134 2.35 10.90 -27.10
C PHE B 134 3.44 9.91 -26.69
N GLY B 135 3.16 9.15 -25.64
CA GLY B 135 4.13 8.18 -25.17
C GLY B 135 3.51 7.12 -24.29
N ARG B 136 4.07 5.92 -24.33
CA ARG B 136 3.56 4.82 -23.52
C ARG B 136 4.72 3.96 -23.00
N ILE B 137 5.30 4.37 -21.88
CA ILE B 137 6.40 3.62 -21.28
C ILE B 137 5.80 2.50 -20.43
N ILE B 138 6.14 1.27 -20.77
CA ILE B 138 5.63 0.12 -20.07
C ILE B 138 6.79 -0.72 -19.56
N ASN B 139 7.03 -0.66 -18.26
CA ASN B 139 8.12 -1.41 -17.64
C ASN B 139 7.63 -2.73 -17.12
N ILE B 140 8.39 -3.79 -17.37
CA ILE B 140 8.00 -5.10 -16.89
C ILE B 140 8.68 -5.35 -15.56
N ALA B 141 7.98 -5.04 -14.48
CA ALA B 141 8.52 -5.21 -13.14
C ALA B 141 8.36 -6.67 -12.71
N SER B 142 7.60 -6.87 -11.64
CA SER B 142 7.36 -8.21 -11.11
C SER B 142 6.54 -8.09 -9.83
N ALA B 143 6.02 -9.21 -9.36
CA ALA B 143 5.27 -9.17 -8.11
C ALA B 143 6.32 -8.75 -7.08
N HIS B 144 7.59 -9.02 -7.40
CA HIS B 144 8.72 -8.69 -6.53
C HIS B 144 9.05 -7.20 -6.53
N GLY B 145 8.17 -6.43 -7.14
CA GLY B 145 8.34 -4.99 -7.15
C GLY B 145 7.36 -4.43 -6.12
N LEU B 146 6.56 -5.32 -5.56
CA LEU B 146 5.54 -4.97 -4.56
C LEU B 146 5.74 -5.79 -3.29
N VAL B 147 6.18 -7.03 -3.46
CA VAL B 147 6.42 -7.91 -2.33
C VAL B 147 7.80 -8.52 -2.51
N ALA B 148 8.20 -9.35 -1.55
CA ALA B 148 9.52 -9.96 -1.60
C ALA B 148 9.50 -11.46 -1.37
N SER B 149 10.66 -12.07 -1.65
CA SER B 149 10.86 -13.49 -1.46
C SER B 149 12.29 -13.60 -0.93
N ALA B 150 12.54 -14.60 -0.10
CA ALA B 150 13.88 -14.80 0.47
C ALA B 150 14.90 -15.22 -0.59
N ASN B 151 16.12 -14.72 -0.43
CA ASN B 151 17.23 -15.06 -1.32
C ASN B 151 17.20 -14.39 -2.69
N LYS B 152 16.49 -13.29 -2.82
CA LYS B 152 16.41 -12.57 -4.10
C LYS B 152 16.52 -11.05 -3.88
N SER B 153 17.34 -10.67 -2.90
CA SER B 153 17.52 -9.27 -2.54
C SER B 153 17.83 -8.30 -3.68
N ALA B 154 18.60 -8.74 -4.67
CA ALA B 154 18.93 -7.85 -5.78
C ALA B 154 17.75 -7.65 -6.73
N TYR B 155 17.05 -8.73 -7.03
CA TYR B 155 15.90 -8.67 -7.93
C TYR B 155 14.77 -7.84 -7.30
N VAL B 156 14.32 -8.26 -6.13
CA VAL B 156 13.26 -7.54 -5.42
C VAL B 156 13.57 -6.05 -5.29
N ALA B 157 14.82 -5.74 -4.91
CA ALA B 157 15.24 -4.35 -4.75
C ALA B 157 15.12 -3.59 -6.06
N ALA B 158 15.72 -4.13 -7.11
CA ALA B 158 15.66 -3.49 -8.43
C ALA B 158 14.22 -3.32 -8.88
N LYS B 159 13.42 -4.37 -8.71
CA LYS B 159 12.02 -4.31 -9.12
C LYS B 159 11.22 -3.26 -8.35
N HIS B 160 11.39 -3.22 -7.03
CA HIS B 160 10.70 -2.20 -6.25
C HIS B 160 11.18 -0.87 -6.81
N GLY B 161 12.47 -0.83 -7.15
CA GLY B 161 13.07 0.37 -7.69
C GLY B 161 12.40 0.79 -8.98
N VAL B 162 12.17 -0.18 -9.86
CA VAL B 162 11.51 0.09 -11.13
C VAL B 162 10.15 0.72 -10.81
N VAL B 163 9.39 0.02 -9.98
CA VAL B 163 8.07 0.50 -9.58
C VAL B 163 8.13 1.99 -9.20
N GLY B 164 9.03 2.34 -8.30
CA GLY B 164 9.15 3.73 -7.89
C GLY B 164 9.57 4.66 -9.01
N PHE B 165 10.48 4.19 -9.85
CA PHE B 165 10.95 5.00 -10.97
C PHE B 165 9.77 5.26 -11.90
N THR B 166 8.98 4.21 -12.14
CA THR B 166 7.81 4.32 -12.99
C THR B 166 6.91 5.44 -12.52
N LYS B 167 6.67 5.51 -11.22
CA LYS B 167 5.81 6.54 -10.66
C LYS B 167 6.32 7.95 -10.92
N VAL B 168 7.63 8.13 -10.82
CA VAL B 168 8.26 9.44 -11.03
C VAL B 168 8.21 9.84 -12.50
N THR B 169 8.33 8.84 -13.38
CA THR B 169 8.29 9.08 -14.81
C THR B 169 6.89 9.61 -15.15
N ALA B 170 5.88 9.03 -14.48
CA ALA B 170 4.49 9.41 -14.68
C ALA B 170 4.23 10.84 -14.21
N LEU B 171 4.69 11.16 -13.01
CA LEU B 171 4.49 12.50 -12.47
C LEU B 171 5.20 13.56 -13.30
N GLU B 172 6.31 13.18 -13.92
CA GLU B 172 7.07 14.11 -14.75
C GLU B 172 6.43 14.31 -16.11
N THR B 173 5.58 13.37 -16.54
CA THR B 173 4.92 13.45 -17.83
C THR B 173 3.40 13.50 -17.74
N ALA B 174 2.87 13.78 -16.55
CA ALA B 174 1.43 13.83 -16.35
C ALA B 174 0.74 14.94 -17.16
N GLY B 175 -0.26 14.56 -17.93
CA GLY B 175 -1.00 15.53 -18.73
C GLY B 175 -0.38 15.94 -20.06
N GLN B 176 0.71 15.30 -20.46
CA GLN B 176 1.35 15.64 -21.72
C GLN B 176 1.14 14.55 -22.77
N GLY B 177 0.14 13.70 -22.55
CA GLY B 177 -0.16 12.64 -23.48
C GLY B 177 0.78 11.45 -23.39
N ILE B 178 1.48 11.35 -22.26
CA ILE B 178 2.42 10.25 -22.05
C ILE B 178 2.16 9.57 -20.71
N THR B 179 2.12 8.24 -20.71
CA THR B 179 1.91 7.51 -19.47
C THR B 179 3.03 6.50 -19.25
N ALA B 180 3.15 6.05 -18.01
CA ALA B 180 4.17 5.07 -17.63
C ALA B 180 3.58 4.20 -16.55
N ASN B 181 3.63 2.88 -16.76
CA ASN B 181 3.09 1.94 -15.79
C ASN B 181 3.99 0.73 -15.69
N ALA B 182 3.77 -0.08 -14.66
CA ALA B 182 4.58 -1.27 -14.44
C ALA B 182 3.73 -2.53 -14.35
N ILE B 183 4.04 -3.50 -15.20
CA ILE B 183 3.34 -4.77 -15.18
C ILE B 183 4.10 -5.65 -14.22
N CYS B 184 3.40 -6.24 -13.26
CA CYS B 184 4.06 -7.09 -12.28
C CYS B 184 3.61 -8.53 -12.42
N PRO B 185 4.22 -9.24 -13.38
CA PRO B 185 3.91 -10.64 -13.65
C PRO B 185 4.18 -11.57 -12.48
N GLY B 186 3.44 -12.67 -12.43
CA GLY B 186 3.63 -13.67 -11.41
C GLY B 186 4.43 -14.75 -12.11
N TRP B 187 4.40 -15.98 -11.60
CA TRP B 187 5.14 -17.08 -12.22
C TRP B 187 4.79 -17.28 -13.70
N VAL B 188 5.81 -17.22 -14.56
CA VAL B 188 5.62 -17.43 -15.99
C VAL B 188 6.32 -18.75 -16.31
N ARG B 189 6.97 -18.86 -17.47
CA ARG B 189 7.66 -20.10 -17.84
C ARG B 189 8.84 -19.83 -18.78
N SER B 190 10.03 -19.63 -18.21
CA SER B 190 11.23 -19.36 -19.00
C SER B 190 12.41 -20.20 -18.52
N ALA B 212 7.27 -28.66 -9.66
CA ALA B 212 7.01 -27.41 -10.34
C ALA B 212 5.75 -26.76 -9.82
N ARG B 213 4.65 -27.50 -9.87
CA ARG B 213 3.37 -26.99 -9.39
C ARG B 213 3.46 -26.68 -7.90
N GLU B 214 4.58 -27.08 -7.30
CA GLU B 214 4.82 -26.82 -5.88
C GLU B 214 5.36 -25.41 -5.76
N LEU B 215 5.96 -24.91 -6.85
CA LEU B 215 6.50 -23.57 -6.88
C LEU B 215 5.33 -22.60 -7.03
N LEU B 216 4.32 -23.05 -7.77
CA LEU B 216 3.12 -22.26 -8.00
C LEU B 216 2.27 -22.27 -6.73
N SER B 217 2.08 -23.45 -6.19
CA SER B 217 1.29 -23.63 -4.98
C SER B 217 1.69 -22.65 -3.88
N GLU B 218 2.98 -22.32 -3.81
CA GLU B 218 3.47 -21.43 -2.77
C GLU B 218 3.25 -19.94 -3.02
N LYS B 219 3.33 -19.50 -4.27
CA LYS B 219 3.13 -18.08 -4.59
C LYS B 219 1.85 -17.75 -5.36
N GLN B 220 1.47 -18.61 -6.31
CA GLN B 220 0.28 -18.38 -7.13
C GLN B 220 -0.91 -19.24 -6.69
N PRO B 221 -1.93 -18.60 -6.10
CA PRO B 221 -3.14 -19.28 -5.63
C PRO B 221 -3.95 -19.95 -6.75
N SER B 222 -3.95 -19.32 -7.93
CA SER B 222 -4.68 -19.85 -9.07
C SER B 222 -4.07 -21.14 -9.58
N LEU B 223 -2.80 -21.36 -9.24
CA LEU B 223 -2.09 -22.57 -9.64
C LEU B 223 -2.04 -22.69 -11.16
N GLN B 224 -1.82 -21.57 -11.84
CA GLN B 224 -1.75 -21.55 -13.30
C GLN B 224 -0.77 -20.48 -13.75
N PHE B 225 0.30 -20.87 -14.43
CA PHE B 225 1.29 -19.91 -14.90
C PHE B 225 0.68 -18.80 -15.75
N VAL B 226 1.37 -17.68 -15.82
CA VAL B 226 0.95 -16.53 -16.61
C VAL B 226 1.68 -16.64 -17.93
N THR B 227 0.98 -16.36 -19.03
CA THR B 227 1.60 -16.46 -20.35
C THR B 227 2.04 -15.15 -20.96
N PRO B 228 3.05 -15.20 -21.85
CA PRO B 228 3.56 -14.00 -22.52
C PRO B 228 2.45 -13.35 -23.35
N GLU B 229 1.50 -14.17 -23.78
CA GLU B 229 0.35 -13.70 -24.55
C GLU B 229 -0.42 -12.72 -23.68
N GLN B 230 -0.87 -13.22 -22.53
CA GLN B 230 -1.62 -12.40 -21.60
C GLN B 230 -0.84 -11.10 -21.34
N LEU B 231 0.45 -11.23 -21.08
CA LEU B 231 1.27 -10.05 -20.84
C LEU B 231 1.26 -9.17 -22.08
N GLY B 232 1.18 -9.81 -23.25
CA GLY B 232 1.14 -9.09 -24.50
C GLY B 232 -0.15 -8.27 -24.56
N GLY B 233 -1.26 -8.93 -24.30
CA GLY B 233 -2.55 -8.25 -24.32
C GLY B 233 -2.56 -7.11 -23.30
N THR B 234 -2.00 -7.36 -22.11
CA THR B 234 -1.96 -6.35 -21.07
C THR B 234 -1.19 -5.15 -21.60
N ALA B 235 0.00 -5.42 -22.13
CA ALA B 235 0.84 -4.39 -22.72
C ALA B 235 0.04 -3.72 -23.84
N VAL B 236 -0.71 -4.54 -24.56
CA VAL B 236 -1.56 -4.04 -25.63
C VAL B 236 -2.54 -3.06 -24.98
N PHE B 237 -3.27 -3.54 -23.97
CA PHE B 237 -4.24 -2.70 -23.28
C PHE B 237 -3.64 -1.41 -22.76
N LEU B 238 -2.53 -1.52 -22.03
CA LEU B 238 -1.89 -0.34 -21.48
C LEU B 238 -1.55 0.67 -22.57
N ALA B 239 -1.42 0.18 -23.81
CA ALA B 239 -1.12 1.03 -24.94
C ALA B 239 -2.42 1.63 -25.50
N SER B 240 -3.54 0.94 -25.28
CA SER B 240 -4.85 1.38 -25.75
C SER B 240 -5.06 2.83 -25.38
N ASP B 241 -6.03 3.47 -26.05
CA ASP B 241 -6.31 4.86 -25.73
C ASP B 241 -7.26 4.86 -24.53
N ALA B 242 -7.63 3.66 -24.09
CA ALA B 242 -8.51 3.50 -22.94
C ALA B 242 -7.69 3.68 -21.67
N ALA B 243 -6.38 3.47 -21.79
CA ALA B 243 -5.46 3.63 -20.67
C ALA B 243 -4.80 4.99 -20.73
N ALA B 244 -5.47 5.94 -21.37
CA ALA B 244 -4.93 7.29 -21.49
C ALA B 244 -4.66 7.90 -20.12
N GLN B 245 -5.61 7.75 -19.21
CA GLN B 245 -5.45 8.30 -17.87
C GLN B 245 -4.90 7.30 -16.86
N ILE B 246 -4.38 6.18 -17.34
CA ILE B 246 -3.79 5.17 -16.46
C ILE B 246 -2.29 5.41 -16.46
N THR B 247 -1.79 6.12 -15.44
CA THR B 247 -0.37 6.41 -15.35
C THR B 247 0.18 6.38 -13.90
N GLY B 248 1.46 6.01 -13.78
CA GLY B 248 2.10 5.94 -12.48
C GLY B 248 1.64 4.81 -11.58
N THR B 249 1.15 3.74 -12.19
CA THR B 249 0.67 2.61 -11.39
C THR B 249 1.20 1.26 -11.87
N THR B 250 0.76 0.22 -11.17
CA THR B 250 1.18 -1.13 -11.46
C THR B 250 -0.01 -2.03 -11.78
N VAL B 251 0.18 -2.96 -12.71
CA VAL B 251 -0.86 -3.91 -13.07
C VAL B 251 -0.37 -5.30 -12.72
N SER B 252 -0.91 -5.87 -11.65
CA SER B 252 -0.50 -7.19 -11.22
C SER B 252 -1.17 -8.31 -12.01
N VAL B 253 -0.36 -9.05 -12.75
CA VAL B 253 -0.83 -10.18 -13.54
C VAL B 253 -0.14 -11.36 -12.86
N ASP B 254 -0.65 -11.74 -11.69
CA ASP B 254 -0.03 -12.81 -10.91
C ASP B 254 -0.93 -13.90 -10.38
N GLY B 255 -2.11 -14.05 -10.96
CA GLY B 255 -3.02 -15.08 -10.50
C GLY B 255 -3.24 -15.10 -9.00
N GLY B 256 -3.25 -13.92 -8.38
CA GLY B 256 -3.49 -13.84 -6.95
C GLY B 256 -2.29 -13.72 -6.02
N TRP B 257 -1.09 -13.64 -6.58
CA TRP B 257 0.13 -13.56 -5.76
C TRP B 257 0.06 -12.52 -4.64
N THR B 258 -0.01 -11.25 -5.03
CA THR B 258 -0.04 -10.16 -4.08
C THR B 258 -1.35 -10.00 -3.27
N ALA B 259 -2.46 -10.51 -3.78
CA ALA B 259 -3.75 -10.40 -3.09
C ALA B 259 -3.73 -10.97 -1.67
N ARG B 260 -2.89 -11.96 -1.42
CA ARG B 260 -2.82 -12.54 -0.09
C ARG B 260 -1.50 -12.18 0.58
N MET C 1 6.17 8.30 29.60
CA MET C 1 5.07 7.95 30.56
C MET C 1 3.79 8.66 30.11
N LEU C 2 2.67 8.23 30.65
CA LEU C 2 1.36 8.79 30.30
C LEU C 2 0.55 9.23 31.52
N LYS C 3 1.23 9.59 32.60
CA LYS C 3 0.56 10.05 33.83
C LYS C 3 -0.36 11.23 33.53
N GLY C 4 -1.53 11.23 34.15
CA GLY C 4 -2.48 12.31 33.94
C GLY C 4 -3.36 12.11 32.71
N LYS C 5 -3.04 11.11 31.90
CA LYS C 5 -3.82 10.87 30.70
C LYS C 5 -4.87 9.76 30.89
N VAL C 6 -5.91 9.82 30.08
CA VAL C 6 -6.99 8.84 30.15
C VAL C 6 -7.08 8.00 28.88
N ALA C 7 -7.06 6.69 29.04
CA ALA C 7 -7.16 5.79 27.89
C ALA C 7 -8.39 4.90 27.98
N VAL C 8 -9.13 4.83 26.88
CA VAL C 8 -10.31 3.98 26.81
C VAL C 8 -9.93 2.86 25.84
N VAL C 9 -10.09 1.62 26.27
CA VAL C 9 -9.77 0.47 25.44
C VAL C 9 -10.98 -0.46 25.31
N THR C 10 -11.56 -0.52 24.12
CA THR C 10 -12.72 -1.38 23.87
C THR C 10 -12.27 -2.83 23.80
N GLY C 11 -13.09 -3.75 24.30
CA GLY C 11 -12.72 -5.16 24.25
C GLY C 11 -11.40 -5.40 24.99
N SER C 12 -11.29 -4.85 26.20
CA SER C 12 -10.10 -5.00 27.01
C SER C 12 -10.28 -5.96 28.20
N THR C 13 -11.37 -6.71 28.20
CA THR C 13 -11.59 -7.66 29.28
C THR C 13 -10.77 -8.92 29.04
N SER C 14 -10.14 -9.02 27.87
CA SER C 14 -9.31 -10.17 27.55
C SER C 14 -8.53 -9.98 26.25
N GLY C 15 -7.64 -10.93 25.97
CA GLY C 15 -6.85 -10.90 24.75
C GLY C 15 -5.97 -9.69 24.51
N ILE C 16 -5.97 -9.24 23.27
CA ILE C 16 -5.18 -8.10 22.84
C ILE C 16 -5.51 -6.84 23.61
N GLY C 17 -6.80 -6.53 23.75
CA GLY C 17 -7.23 -5.35 24.47
C GLY C 17 -6.76 -5.27 25.91
N LEU C 18 -6.70 -6.43 26.59
CA LEU C 18 -6.24 -6.47 27.97
C LEU C 18 -4.74 -6.21 28.05
N GLY C 19 -4.00 -6.72 27.05
CA GLY C 19 -2.57 -6.48 27.05
C GLY C 19 -2.31 -5.01 26.79
N ILE C 20 -3.13 -4.40 25.94
CA ILE C 20 -2.97 -2.99 25.64
C ILE C 20 -3.37 -2.12 26.84
N ALA C 21 -4.51 -2.41 27.46
CA ALA C 21 -4.94 -1.62 28.62
C ALA C 21 -3.91 -1.75 29.75
N THR C 22 -3.31 -2.92 29.88
CA THR C 22 -2.30 -3.17 30.90
C THR C 22 -1.05 -2.35 30.62
N ALA C 23 -0.55 -2.45 29.38
CA ALA C 23 0.64 -1.71 29.00
C ALA C 23 0.48 -0.20 29.25
N LEU C 24 -0.70 0.34 28.93
CA LEU C 24 -0.98 1.76 29.12
C LEU C 24 -1.08 2.12 30.61
N ALA C 25 -1.70 1.23 31.38
CA ALA C 25 -1.84 1.45 32.82
C ALA C 25 -0.45 1.50 33.44
N ALA C 26 0.44 0.63 32.97
CA ALA C 26 1.80 0.59 33.50
C ALA C 26 2.56 1.88 33.17
N GLN C 27 1.99 2.70 32.29
CA GLN C 27 2.60 3.98 31.94
C GLN C 27 1.94 5.12 32.72
N GLY C 28 1.07 4.78 33.66
CA GLY C 28 0.42 5.80 34.45
C GLY C 28 -0.88 6.38 33.88
N ALA C 29 -1.37 5.77 32.81
CA ALA C 29 -2.61 6.26 32.22
C ALA C 29 -3.79 5.71 32.99
N ASP C 30 -4.83 6.54 33.16
CA ASP C 30 -6.04 6.09 33.83
C ASP C 30 -6.74 5.28 32.75
N ILE C 31 -7.45 4.24 33.16
CA ILE C 31 -8.07 3.35 32.20
C ILE C 31 -9.56 3.09 32.31
N VAL C 32 -10.22 2.95 31.16
CA VAL C 32 -11.62 2.59 31.13
C VAL C 32 -11.66 1.26 30.37
N LEU C 33 -12.01 0.19 31.07
CA LEU C 33 -12.09 -1.14 30.47
C LEU C 33 -13.45 -1.35 29.84
N ASN C 34 -13.53 -2.31 28.93
CA ASN C 34 -14.78 -2.62 28.23
C ASN C 34 -14.72 -4.04 27.70
N GLY C 35 -15.89 -4.66 27.56
CA GLY C 35 -15.92 -6.02 27.06
C GLY C 35 -16.78 -6.95 27.88
N PHE C 36 -16.82 -8.22 27.46
CA PHE C 36 -17.61 -9.22 28.15
C PHE C 36 -16.78 -10.28 28.86
N GLY C 37 -17.46 -11.31 29.36
CA GLY C 37 -16.79 -12.36 30.09
C GLY C 37 -17.46 -12.50 31.45
N ASP C 38 -16.73 -13.07 32.41
CA ASP C 38 -17.24 -13.27 33.75
C ASP C 38 -17.11 -11.96 34.53
N ALA C 39 -18.21 -11.47 35.07
CA ALA C 39 -18.19 -10.21 35.81
C ALA C 39 -17.29 -10.21 37.04
N ALA C 40 -17.09 -11.36 37.66
CA ALA C 40 -16.23 -11.42 38.84
C ALA C 40 -14.80 -11.29 38.38
N GLU C 41 -14.44 -12.03 37.34
CA GLU C 41 -13.08 -11.99 36.80
C GLU C 41 -12.77 -10.61 36.22
N ILE C 42 -13.78 -9.94 35.67
CA ILE C 42 -13.58 -8.61 35.14
C ILE C 42 -13.29 -7.63 36.29
N GLU C 43 -14.03 -7.76 37.38
CA GLU C 43 -13.82 -6.88 38.52
C GLU C 43 -12.44 -7.09 39.16
N LYS C 44 -11.96 -8.33 39.15
CA LYS C 44 -10.65 -8.65 39.69
C LYS C 44 -9.59 -7.96 38.84
N VAL C 45 -9.73 -8.06 37.53
CA VAL C 45 -8.80 -7.43 36.61
C VAL C 45 -8.82 -5.92 36.81
N ARG C 46 -10.01 -5.34 36.86
CA ARG C 46 -10.15 -3.91 37.02
C ARG C 46 -9.51 -3.38 38.29
N ALA C 47 -9.79 -4.03 39.42
CA ALA C 47 -9.23 -3.60 40.70
C ALA C 47 -7.74 -3.91 40.75
N GLY C 48 -7.34 -5.04 40.16
CA GLY C 48 -5.96 -5.44 40.14
C GLY C 48 -5.05 -4.45 39.43
N LEU C 49 -5.45 -3.98 38.25
CA LEU C 49 -4.63 -3.03 37.50
C LEU C 49 -4.51 -1.71 38.26
N ALA C 50 -5.61 -1.25 38.84
CA ALA C 50 -5.61 0.01 39.58
C ALA C 50 -4.65 -0.04 40.76
N ALA C 51 -4.64 -1.16 41.47
CA ALA C 51 -3.79 -1.34 42.63
C ALA C 51 -2.32 -1.52 42.23
N GLN C 52 -2.07 -2.38 41.27
CA GLN C 52 -0.70 -2.61 40.84
C GLN C 52 -0.03 -1.36 40.25
N HIS C 53 -0.77 -0.58 39.47
CA HIS C 53 -0.18 0.59 38.83
C HIS C 53 -0.52 1.94 39.43
N GLY C 54 -1.36 1.95 40.46
CA GLY C 54 -1.71 3.20 41.10
C GLY C 54 -2.48 4.17 40.23
N VAL C 55 -3.32 3.65 39.35
CA VAL C 55 -4.13 4.51 38.49
C VAL C 55 -5.60 4.23 38.73
N LYS C 56 -6.47 5.06 38.16
CA LYS C 56 -7.90 4.87 38.29
C LYS C 56 -8.37 3.99 37.13
N VAL C 57 -9.15 2.97 37.45
CA VAL C 57 -9.65 2.06 36.43
C VAL C 57 -11.15 1.85 36.56
N LEU C 58 -11.90 2.20 35.52
CA LEU C 58 -13.34 2.01 35.52
C LEU C 58 -13.69 0.91 34.52
N TYR C 59 -14.92 0.41 34.61
CA TYR C 59 -15.40 -0.61 33.69
C TYR C 59 -16.73 -0.13 33.15
N ASP C 60 -16.91 -0.27 31.84
CA ASP C 60 -18.16 0.12 31.19
C ASP C 60 -18.50 -1.01 30.23
N GLY C 61 -19.57 -1.75 30.52
CA GLY C 61 -19.97 -2.88 29.70
C GLY C 61 -20.77 -2.59 28.44
N ALA C 62 -20.64 -1.38 27.90
CA ALA C 62 -21.35 -1.01 26.67
C ALA C 62 -21.23 -2.09 25.59
N ASP C 63 -22.34 -2.41 24.95
CA ASP C 63 -22.37 -3.40 23.88
C ASP C 63 -21.98 -2.60 22.64
N LEU C 64 -20.75 -2.79 22.16
CA LEU C 64 -20.26 -2.01 21.02
C LEU C 64 -20.95 -2.21 19.67
N SER C 65 -21.86 -3.17 19.58
CA SER C 65 -22.56 -3.38 18.32
C SER C 65 -23.63 -2.30 18.12
N LYS C 66 -23.86 -1.50 19.15
CA LYS C 66 -24.84 -0.44 19.09
C LYS C 66 -24.17 0.93 19.04
N GLY C 67 -24.38 1.64 17.94
CA GLY C 67 -23.77 2.95 17.78
C GLY C 67 -23.86 3.88 18.97
N GLU C 68 -25.05 4.07 19.52
CA GLU C 68 -25.24 4.97 20.66
C GLU C 68 -24.55 4.50 21.94
N ALA C 69 -24.36 3.19 22.07
CA ALA C 69 -23.69 2.66 23.25
C ALA C 69 -22.19 2.94 23.15
N VAL C 70 -21.65 2.93 21.93
CA VAL C 70 -20.22 3.20 21.71
C VAL C 70 -19.93 4.67 22.03
N ARG C 71 -20.80 5.56 21.55
CA ARG C 71 -20.64 6.98 21.79
C ARG C 71 -20.85 7.27 23.27
N GLY C 72 -21.76 6.52 23.89
CA GLY C 72 -22.04 6.71 25.31
C GLY C 72 -20.83 6.35 26.14
N LEU C 73 -20.12 5.29 25.74
CA LEU C 73 -18.92 4.83 26.44
C LEU C 73 -17.85 5.93 26.49
N VAL C 74 -17.64 6.58 25.34
CA VAL C 74 -16.66 7.66 25.24
C VAL C 74 -17.07 8.87 26.06
N ASP C 75 -18.34 9.27 25.95
CA ASP C 75 -18.84 10.41 26.69
C ASP C 75 -18.81 10.19 28.19
N ASN C 76 -19.14 8.99 28.64
CA ASN C 76 -19.13 8.69 30.06
C ASN C 76 -17.70 8.58 30.56
N ALA C 77 -16.79 8.27 29.65
CA ALA C 77 -15.39 8.17 30.02
C ALA C 77 -14.99 9.59 30.36
N VAL C 78 -15.39 10.53 29.51
CA VAL C 78 -15.03 11.93 29.76
C VAL C 78 -15.70 12.45 31.04
N ARG C 79 -16.98 12.14 31.23
CA ARG C 79 -17.70 12.59 32.43
C ARG C 79 -17.05 12.05 33.72
N GLN C 80 -16.70 10.78 33.73
CA GLN C 80 -16.10 10.16 34.91
C GLN C 80 -14.59 10.34 35.09
N MET C 81 -13.81 10.27 34.00
CA MET C 81 -12.36 10.43 34.09
C MET C 81 -11.90 11.88 33.91
N GLY C 82 -12.75 12.71 33.33
CA GLY C 82 -12.39 14.11 33.13
C GLY C 82 -11.81 14.50 31.78
N ARG C 83 -11.48 13.51 30.94
CA ARG C 83 -10.89 13.77 29.63
C ARG C 83 -10.64 12.43 28.92
N ILE C 84 -10.30 12.46 27.64
CA ILE C 84 -9.98 11.22 26.90
C ILE C 84 -8.84 11.52 25.94
N ASP C 85 -7.66 11.01 26.28
CA ASP C 85 -6.46 11.24 25.48
C ASP C 85 -6.21 10.12 24.48
N ILE C 86 -6.53 8.91 24.90
CA ILE C 86 -6.29 7.73 24.08
C ILE C 86 -7.53 6.89 23.85
N LEU C 87 -7.87 6.66 22.60
CA LEU C 87 -9.01 5.81 22.30
C LEU C 87 -8.46 4.62 21.54
N VAL C 88 -8.62 3.42 22.09
CA VAL C 88 -8.13 2.23 21.41
C VAL C 88 -9.34 1.41 21.00
N ASN C 89 -9.65 1.39 19.72
CA ASN C 89 -10.79 0.63 19.22
C ASN C 89 -10.25 -0.73 18.85
N ASN C 90 -10.43 -1.67 19.77
CA ASN C 90 -9.93 -3.04 19.65
C ASN C 90 -10.96 -4.19 19.54
N ALA C 91 -12.12 -4.04 20.17
CA ALA C 91 -13.15 -5.09 20.13
C ALA C 91 -13.45 -5.59 18.71
N GLY C 92 -13.61 -6.90 18.56
CA GLY C 92 -13.89 -7.47 17.25
C GLY C 92 -14.26 -8.94 17.29
N ILE C 93 -14.94 -9.41 16.25
CA ILE C 93 -15.35 -10.81 16.14
C ILE C 93 -15.02 -11.39 14.77
N GLN C 94 -15.07 -12.71 14.67
CA GLN C 94 -14.75 -13.39 13.42
C GLN C 94 -15.78 -14.45 13.05
N HIS C 95 -15.75 -14.88 11.79
CA HIS C 95 -16.63 -15.92 11.27
C HIS C 95 -16.12 -16.33 9.90
N THR C 96 -15.92 -17.63 9.70
CA THR C 96 -15.40 -18.14 8.44
C THR C 96 -16.43 -18.91 7.62
N ALA C 97 -16.43 -18.67 6.31
CA ALA C 97 -17.35 -19.35 5.40
C ALA C 97 -17.14 -18.80 3.99
N LEU C 98 -17.60 -19.53 2.99
CA LEU C 98 -17.46 -19.04 1.63
C LEU C 98 -18.39 -17.84 1.49
N ILE C 99 -18.07 -16.93 0.58
CA ILE C 99 -18.90 -15.76 0.37
C ILE C 99 -20.36 -16.14 0.15
N GLU C 100 -20.59 -17.24 -0.57
CA GLU C 100 -21.95 -17.71 -0.87
C GLU C 100 -22.63 -18.32 0.35
N ASP C 101 -21.85 -18.88 1.26
CA ASP C 101 -22.39 -19.50 2.46
C ASP C 101 -22.32 -18.58 3.67
N PHE C 102 -21.80 -17.37 3.46
CA PHE C 102 -21.65 -16.41 4.55
C PHE C 102 -23.00 -15.84 4.95
N PRO C 103 -23.44 -16.12 6.18
CA PRO C 103 -24.74 -15.62 6.65
C PRO C 103 -24.77 -14.09 6.67
N THR C 104 -25.87 -13.52 6.19
CA THR C 104 -26.01 -12.08 6.18
C THR C 104 -25.92 -11.54 7.59
N GLU C 105 -26.53 -12.23 8.55
CA GLU C 105 -26.48 -11.77 9.93
C GLU C 105 -25.04 -11.70 10.44
N LYS C 106 -24.20 -12.59 9.91
CA LYS C 106 -22.79 -12.64 10.31
C LYS C 106 -22.03 -11.49 9.63
N TRP C 107 -22.43 -11.18 8.41
CA TRP C 107 -21.80 -10.09 7.69
C TRP C 107 -22.08 -8.78 8.41
N ASP C 108 -23.35 -8.53 8.75
CA ASP C 108 -23.74 -7.30 9.43
C ASP C 108 -23.10 -7.14 10.80
N ALA C 109 -22.95 -8.25 11.51
CA ALA C 109 -22.36 -8.27 12.83
C ALA C 109 -20.87 -7.91 12.80
N ILE C 110 -20.13 -8.52 11.86
CA ILE C 110 -18.70 -8.24 11.74
C ILE C 110 -18.51 -6.77 11.41
N LEU C 111 -19.29 -6.28 10.46
CA LEU C 111 -19.21 -4.89 10.05
C LEU C 111 -19.60 -3.91 11.13
N ALA C 112 -20.64 -4.23 11.90
CA ALA C 112 -21.10 -3.32 12.93
C ALA C 112 -20.09 -3.13 14.04
N LEU C 113 -19.44 -4.21 14.48
CA LEU C 113 -18.44 -4.14 15.55
C LEU C 113 -17.02 -3.81 15.05
N ASN C 114 -16.54 -4.58 14.07
CA ASN C 114 -15.19 -4.41 13.53
C ASN C 114 -14.96 -3.11 12.76
N LEU C 115 -16.01 -2.54 12.16
CA LEU C 115 -15.85 -1.30 11.41
C LEU C 115 -16.68 -0.12 11.94
N SER C 116 -18.00 -0.27 11.99
CA SER C 116 -18.85 0.82 12.44
C SER C 116 -18.57 1.36 13.85
N ALA C 117 -18.17 0.47 14.77
CA ALA C 117 -17.87 0.88 16.14
C ALA C 117 -16.64 1.80 16.17
N VAL C 118 -15.71 1.57 15.25
CA VAL C 118 -14.52 2.42 15.17
C VAL C 118 -15.00 3.83 14.80
N PHE C 119 -15.93 3.89 13.84
CA PHE C 119 -16.50 5.17 13.42
C PHE C 119 -17.21 5.84 14.61
N HIS C 120 -18.16 5.14 15.22
CA HIS C 120 -18.89 5.72 16.35
C HIS C 120 -17.97 6.18 17.48
N GLY C 121 -16.99 5.35 17.85
CA GLY C 121 -16.10 5.74 18.92
C GLY C 121 -15.29 6.97 18.58
N THR C 122 -14.75 6.99 17.37
CA THR C 122 -13.94 8.10 16.89
C THR C 122 -14.74 9.40 16.84
N ALA C 123 -15.97 9.34 16.31
CA ALA C 123 -16.83 10.52 16.22
C ALA C 123 -17.06 11.14 17.60
N ALA C 124 -17.29 10.28 18.59
CA ALA C 124 -17.55 10.74 19.95
C ALA C 124 -16.31 11.34 20.62
N ALA C 125 -15.14 10.78 20.30
CA ALA C 125 -13.88 11.23 20.88
C ALA C 125 -13.33 12.51 20.28
N LEU C 126 -13.43 12.65 18.96
CA LEU C 126 -12.86 13.82 18.29
C LEU C 126 -13.15 15.19 18.89
N PRO C 127 -14.42 15.52 19.17
CA PRO C 127 -14.69 16.85 19.75
C PRO C 127 -13.91 17.13 21.03
N HIS C 128 -13.77 16.13 21.88
CA HIS C 128 -13.04 16.26 23.15
C HIS C 128 -11.55 16.43 22.90
N MET C 129 -11.00 15.61 22.01
CA MET C 129 -9.58 15.67 21.69
C MET C 129 -9.21 16.99 21.04
N LYS C 130 -10.08 17.49 20.15
CA LYS C 130 -9.78 18.77 19.52
C LYS C 130 -9.74 19.88 20.57
N LYS C 131 -10.69 19.88 21.50
CA LYS C 131 -10.69 20.89 22.57
C LYS C 131 -9.46 20.72 23.46
N GLN C 132 -9.10 19.48 23.74
CA GLN C 132 -7.95 19.20 24.59
C GLN C 132 -6.64 19.57 23.91
N GLY C 133 -6.63 19.59 22.58
CA GLY C 133 -5.40 19.91 21.86
C GLY C 133 -4.49 18.70 21.82
N PHE C 134 -4.99 17.57 22.31
CA PHE C 134 -4.21 16.34 22.32
C PHE C 134 -5.10 15.15 22.02
N GLY C 135 -4.56 14.16 21.33
CA GLY C 135 -5.36 12.99 21.01
C GLY C 135 -4.59 11.85 20.36
N ARG C 136 -4.94 10.63 20.73
CA ARG C 136 -4.32 9.45 20.14
C ARG C 136 -5.37 8.39 19.88
N ILE C 137 -5.69 8.18 18.61
CA ILE C 137 -6.65 7.15 18.22
C ILE C 137 -5.87 5.99 17.62
N ILE C 138 -6.00 4.82 18.25
CA ILE C 138 -5.30 3.61 17.85
C ILE C 138 -6.29 2.51 17.53
N ASN C 139 -6.42 2.20 16.25
CA ASN C 139 -7.36 1.18 15.81
C ASN C 139 -6.62 -0.12 15.61
N ILE C 140 -7.13 -1.19 16.23
CA ILE C 140 -6.51 -2.49 16.08
C ILE C 140 -7.16 -3.08 14.86
N ALA C 141 -6.42 -3.11 13.76
CA ALA C 141 -6.95 -3.66 12.54
C ALA C 141 -6.44 -5.09 12.45
N SER C 142 -5.55 -5.35 11.48
CA SER C 142 -5.01 -6.70 11.27
C SER C 142 -4.27 -6.72 9.96
N ALA C 143 -3.45 -7.74 9.74
CA ALA C 143 -2.76 -7.89 8.46
C ALA C 143 -3.86 -8.01 7.40
N HIS C 144 -5.05 -8.43 7.83
CA HIS C 144 -6.19 -8.57 6.93
C HIS C 144 -6.80 -7.24 6.53
N GLY C 145 -6.16 -6.16 6.97
CA GLY C 145 -6.64 -4.83 6.60
C GLY C 145 -5.76 -4.40 5.45
N LEU C 146 -4.78 -5.23 5.14
CA LEU C 146 -3.81 -4.95 4.07
C LEU C 146 -3.82 -6.03 2.99
N VAL C 147 -4.05 -7.28 3.40
CA VAL C 147 -4.10 -8.43 2.50
C VAL C 147 -5.34 -9.25 2.88
N ALA C 148 -5.64 -10.27 2.08
CA ALA C 148 -6.80 -11.11 2.33
C ALA C 148 -6.48 -12.59 2.56
N SER C 149 -7.52 -13.33 2.96
CA SER C 149 -7.45 -14.77 3.17
C SER C 149 -8.82 -15.30 2.78
N ALA C 150 -8.86 -16.50 2.21
CA ALA C 150 -10.12 -17.08 1.79
C ALA C 150 -11.05 -17.33 2.97
N ASN C 151 -12.35 -17.21 2.73
CA ASN C 151 -13.36 -17.47 3.75
C ASN C 151 -13.45 -16.46 4.90
N LYS C 152 -12.89 -15.27 4.69
CA LYS C 152 -12.93 -14.22 5.72
C LYS C 152 -13.32 -12.89 5.08
N SER C 153 -14.23 -12.96 4.11
CA SER C 153 -14.67 -11.78 3.37
C SER C 153 -15.19 -10.64 4.25
N ALA C 154 -16.00 -10.95 5.25
CA ALA C 154 -16.54 -9.91 6.12
C ALA C 154 -15.42 -9.26 6.94
N TYR C 155 -14.63 -10.10 7.59
CA TYR C 155 -13.52 -9.64 8.42
C TYR C 155 -12.52 -8.80 7.63
N VAL C 156 -12.09 -9.30 6.47
CA VAL C 156 -11.13 -8.58 5.65
C VAL C 156 -11.69 -7.25 5.16
N ALA C 157 -12.96 -7.24 4.76
CA ALA C 157 -13.60 -6.02 4.29
C ALA C 157 -13.66 -4.99 5.41
N ALA C 158 -14.02 -5.43 6.62
CA ALA C 158 -14.12 -4.55 7.77
C ALA C 158 -12.75 -3.98 8.11
N LYS C 159 -11.76 -4.87 8.26
CA LYS C 159 -10.41 -4.46 8.60
C LYS C 159 -9.85 -3.47 7.61
N HIS C 160 -10.03 -3.74 6.32
CA HIS C 160 -9.58 -2.82 5.29
C HIS C 160 -10.33 -1.50 5.53
N GLY C 161 -11.61 -1.61 5.89
CA GLY C 161 -12.42 -0.42 6.16
C GLY C 161 -11.82 0.42 7.28
N VAL C 162 -11.36 -0.24 8.33
CA VAL C 162 -10.74 0.45 9.45
C VAL C 162 -9.48 1.21 8.99
N VAL C 163 -8.64 0.53 8.21
CA VAL C 163 -7.42 1.14 7.70
C VAL C 163 -7.77 2.43 6.95
N GLY C 164 -8.75 2.35 6.07
CA GLY C 164 -9.15 3.53 5.33
C GLY C 164 -9.70 4.62 6.24
N PHE C 165 -10.55 4.22 7.18
CA PHE C 165 -11.17 5.15 8.12
C PHE C 165 -10.08 5.84 8.95
N THR C 166 -9.06 5.08 9.34
CA THR C 166 -7.95 5.64 10.11
C THR C 166 -7.27 6.78 9.33
N LYS C 167 -7.02 6.57 8.04
CA LYS C 167 -6.39 7.58 7.21
C LYS C 167 -7.22 8.86 7.15
N VAL C 168 -8.53 8.70 7.03
CA VAL C 168 -9.42 9.86 6.99
C VAL C 168 -9.39 10.61 8.33
N THR C 169 -9.36 9.86 9.43
CA THR C 169 -9.32 10.46 10.75
C THR C 169 -8.04 11.28 10.88
N ALA C 170 -6.92 10.71 10.44
CA ALA C 170 -5.65 11.41 10.50
C ALA C 170 -5.70 12.71 9.72
N LEU C 171 -6.27 12.66 8.51
CA LEU C 171 -6.35 13.85 7.68
C LEU C 171 -7.24 14.97 8.22
N GLU C 172 -8.31 14.62 8.94
CA GLU C 172 -9.22 15.63 9.47
C GLU C 172 -8.68 16.29 10.73
N THR C 173 -7.69 15.66 11.35
CA THR C 173 -7.11 16.15 12.59
C THR C 173 -5.65 16.55 12.46
N ALA C 174 -5.09 16.37 11.27
CA ALA C 174 -3.69 16.69 11.02
C ALA C 174 -3.31 18.06 11.57
N GLY C 175 -2.26 18.08 12.39
CA GLY C 175 -1.78 19.32 12.97
C GLY C 175 -2.48 19.82 14.22
N GLN C 176 -3.48 19.10 14.70
CA GLN C 176 -4.21 19.53 15.88
C GLN C 176 -3.81 18.82 17.18
N GLY C 177 -2.64 18.19 17.16
CA GLY C 177 -2.14 17.47 18.31
C GLY C 177 -2.79 16.11 18.43
N ILE C 178 -3.41 15.65 17.35
CA ILE C 178 -4.10 14.37 17.34
C ILE C 178 -3.58 13.47 16.23
N THR C 179 -3.37 12.20 16.52
CA THR C 179 -2.95 11.30 15.47
C THR C 179 -3.90 10.10 15.43
N ALA C 180 -3.99 9.44 14.30
CA ALA C 180 -4.85 8.27 14.17
C ALA C 180 -4.03 7.24 13.42
N ASN C 181 -3.87 6.05 14.00
CA ASN C 181 -3.10 5.01 13.35
C ASN C 181 -3.75 3.66 13.59
N ALA C 182 -3.44 2.71 12.72
CA ALA C 182 -4.00 1.37 12.83
C ALA C 182 -2.91 0.32 12.99
N ILE C 183 -2.93 -0.39 14.12
CA ILE C 183 -1.95 -1.43 14.32
C ILE C 183 -2.54 -2.66 13.63
N CYS C 184 -1.73 -3.34 12.84
CA CYS C 184 -2.20 -4.51 12.09
C CYS C 184 -1.45 -5.78 12.51
N PRO C 185 -1.99 -6.48 13.52
CA PRO C 185 -1.31 -7.70 13.98
C PRO C 185 -1.46 -8.92 13.08
N GLY C 186 -0.53 -9.85 13.24
CA GLY C 186 -0.55 -11.11 12.53
C GLY C 186 -1.13 -12.05 13.56
N TRP C 187 -0.87 -13.35 13.46
CA TRP C 187 -1.44 -14.31 14.41
C TRP C 187 -1.06 -14.00 15.87
N VAL C 188 -2.07 -14.01 16.72
CA VAL C 188 -1.93 -13.77 18.17
C VAL C 188 -2.76 -14.88 18.83
N ARG C 189 -2.12 -15.78 19.58
CA ARG C 189 -2.89 -16.85 20.18
C ARG C 189 -3.77 -16.43 21.36
N SER C 190 -5.05 -16.19 21.06
CA SER C 190 -6.06 -15.79 22.04
C SER C 190 -7.32 -16.59 21.70
N PRO C 191 -8.42 -16.40 22.46
CA PRO C 191 -9.67 -17.12 22.19
C PRO C 191 -10.18 -17.04 20.75
N LEU C 192 -9.95 -15.90 20.10
CA LEU C 192 -10.39 -15.71 18.72
C LEU C 192 -9.59 -16.55 17.72
N VAL C 193 -8.42 -17.02 18.16
CA VAL C 193 -7.54 -17.83 17.31
C VAL C 193 -7.46 -19.31 17.75
N GLU C 194 -7.55 -19.55 19.06
CA GLU C 194 -7.49 -20.91 19.58
C GLU C 194 -8.71 -21.67 19.06
N LYS C 195 -9.73 -20.91 18.68
CA LYS C 195 -10.95 -21.50 18.14
C LYS C 195 -10.69 -21.99 16.73
N GLN C 196 -9.77 -21.32 16.03
CA GLN C 196 -9.41 -21.69 14.67
C GLN C 196 -8.26 -22.70 14.71
N ILE C 197 -7.63 -22.81 15.88
CA ILE C 197 -6.54 -23.77 16.08
C ILE C 197 -7.17 -25.15 16.22
N SER C 198 -8.20 -25.23 17.04
CA SER C 198 -8.93 -26.47 17.30
C SER C 198 -9.72 -26.92 16.08
N ALA C 199 -10.20 -25.95 15.30
CA ALA C 199 -10.97 -26.23 14.10
C ALA C 199 -10.13 -27.01 13.10
N LEU C 200 -8.91 -26.52 12.87
CA LEU C 200 -8.00 -27.15 11.92
C LEU C 200 -7.45 -28.48 12.46
N ALA C 201 -7.59 -28.70 13.76
CA ALA C 201 -7.12 -29.93 14.38
C ALA C 201 -8.07 -31.06 13.98
N GLU C 202 -9.33 -30.71 13.78
CA GLU C 202 -10.36 -31.66 13.37
C GLU C 202 -10.40 -31.71 11.84
N LYS C 203 -9.25 -32.01 11.24
CA LYS C 203 -9.13 -32.08 9.79
C LYS C 203 -7.77 -32.68 9.41
N GLU C 214 0.93 -24.59 15.16
CA GLU C 214 2.02 -24.51 14.20
C GLU C 214 1.51 -24.24 12.78
N LEU C 215 0.36 -23.57 12.70
CA LEU C 215 -0.25 -23.20 11.43
C LEU C 215 0.24 -21.79 11.09
N LEU C 216 1.38 -21.43 11.64
CA LEU C 216 1.99 -20.13 11.41
C LEU C 216 2.72 -20.16 10.08
N SER C 217 3.26 -21.34 9.75
CA SER C 217 4.00 -21.54 8.51
C SER C 217 3.23 -20.94 7.37
N GLU C 218 1.92 -21.06 7.46
CA GLU C 218 1.01 -20.55 6.45
C GLU C 218 1.10 -19.04 6.27
N LYS C 219 0.92 -18.29 7.35
CA LYS C 219 0.91 -16.83 7.26
C LYS C 219 2.07 -16.03 7.84
N GLN C 220 2.66 -16.52 8.93
CA GLN C 220 3.73 -15.83 9.64
C GLN C 220 5.14 -16.37 9.42
N PRO C 221 5.92 -15.73 8.52
CA PRO C 221 7.29 -16.14 8.20
C PRO C 221 8.24 -16.41 9.37
N SER C 222 8.03 -15.76 10.50
CA SER C 222 8.91 -15.95 11.64
C SER C 222 8.57 -17.19 12.46
N LEU C 223 7.39 -17.74 12.21
CA LEU C 223 6.92 -18.93 12.92
C LEU C 223 6.78 -18.70 14.42
N GLN C 224 6.56 -17.44 14.80
CA GLN C 224 6.37 -17.08 16.20
C GLN C 224 5.10 -16.25 16.34
N PHE C 225 4.38 -16.43 17.45
CA PHE C 225 3.15 -15.67 17.68
C PHE C 225 3.43 -14.26 18.18
N VAL C 226 2.56 -13.32 17.83
CA VAL C 226 2.67 -11.95 18.30
C VAL C 226 2.00 -11.98 19.67
N THR C 227 2.51 -11.24 20.64
CA THR C 227 1.94 -11.26 21.99
C THR C 227 1.14 -10.01 22.34
N PRO C 228 0.19 -10.15 23.27
CA PRO C 228 -0.62 -9.00 23.70
C PRO C 228 0.31 -7.91 24.23
N GLU C 229 1.35 -8.34 24.95
CA GLU C 229 2.33 -7.43 25.52
C GLU C 229 3.03 -6.61 24.42
N GLN C 230 3.44 -7.27 23.34
CA GLN C 230 4.11 -6.57 22.25
C GLN C 230 3.18 -5.52 21.62
N LEU C 231 1.90 -5.84 21.52
CA LEU C 231 0.93 -4.92 20.94
C LEU C 231 0.71 -3.79 21.94
N GLY C 232 0.74 -4.13 23.22
CA GLY C 232 0.59 -3.11 24.24
C GLY C 232 1.77 -2.13 24.12
N GLY C 233 2.96 -2.66 23.89
CA GLY C 233 4.13 -1.82 23.74
C GLY C 233 4.08 -0.96 22.50
N THR C 234 3.46 -1.45 21.44
CA THR C 234 3.33 -0.70 20.19
C THR C 234 2.33 0.44 20.41
N ALA C 235 1.27 0.16 21.16
CA ALA C 235 0.24 1.15 21.46
C ALA C 235 0.87 2.25 22.31
N VAL C 236 1.67 1.85 23.30
CA VAL C 236 2.36 2.80 24.18
C VAL C 236 3.28 3.69 23.34
N PHE C 237 3.92 3.12 22.32
CA PHE C 237 4.80 3.90 21.47
C PHE C 237 4.01 4.95 20.69
N LEU C 238 2.95 4.52 19.99
CA LEU C 238 2.12 5.46 19.23
C LEU C 238 1.53 6.55 20.11
N ALA C 239 1.32 6.24 21.39
CA ALA C 239 0.75 7.22 22.31
C ALA C 239 1.78 8.21 22.83
N SER C 240 3.06 7.91 22.62
CA SER C 240 4.14 8.76 23.10
C SER C 240 4.37 10.00 22.23
N ASP C 241 5.19 10.91 22.73
CA ASP C 241 5.47 12.15 22.00
C ASP C 241 6.36 11.92 20.77
N ALA C 242 7.22 10.90 20.82
CA ALA C 242 8.08 10.60 19.67
C ALA C 242 7.23 10.20 18.45
N ALA C 243 5.97 9.85 18.68
CA ALA C 243 5.07 9.46 17.59
C ALA C 243 4.13 10.60 17.22
N ALA C 244 4.46 11.82 17.65
CA ALA C 244 3.63 13.00 17.38
C ALA C 244 3.36 13.22 15.90
N GLN C 245 4.31 12.85 15.05
CA GLN C 245 4.10 13.04 13.62
C GLN C 245 3.85 11.73 12.88
N ILE C 246 3.50 10.69 13.63
CA ILE C 246 3.16 9.40 13.02
C ILE C 246 1.61 9.41 13.00
N THR C 247 1.03 9.65 11.83
CA THR C 247 -0.43 9.70 11.75
C THR C 247 -0.94 9.23 10.41
N GLY C 248 -2.12 8.62 10.40
CA GLY C 248 -2.72 8.13 9.18
C GLY C 248 -2.00 6.96 8.57
N THR C 249 -1.41 6.13 9.40
CA THR C 249 -0.67 5.01 8.86
C THR C 249 -0.94 3.69 9.55
N THR C 250 -0.30 2.64 9.05
CA THR C 250 -0.46 1.31 9.63
C THR C 250 0.87 0.86 10.20
N VAL C 251 0.82 0.18 11.33
CA VAL C 251 2.00 -0.36 11.95
C VAL C 251 1.78 -1.86 12.01
N SER C 252 2.46 -2.59 11.14
CA SER C 252 2.34 -4.04 11.05
C SER C 252 3.21 -4.78 12.06
N VAL C 253 2.57 -5.67 12.81
CA VAL C 253 3.23 -6.48 13.81
C VAL C 253 2.76 -7.88 13.43
N ASP C 254 3.32 -8.36 12.32
CA ASP C 254 2.94 -9.65 11.74
C ASP C 254 4.05 -10.64 11.41
N GLY C 255 5.16 -10.58 12.13
CA GLY C 255 6.25 -11.51 11.88
C GLY C 255 6.57 -11.76 10.41
N GLY C 256 6.40 -10.75 9.57
CA GLY C 256 6.71 -10.90 8.16
C GLY C 256 5.55 -11.26 7.23
N TRP C 257 4.36 -11.43 7.80
CA TRP C 257 3.16 -11.79 7.04
C TRP C 257 3.00 -11.04 5.73
N THR C 258 3.06 -9.71 5.80
CA THR C 258 2.85 -8.85 4.65
C THR C 258 4.05 -8.49 3.77
N ALA C 259 5.24 -8.95 4.14
CA ALA C 259 6.42 -8.66 3.34
C ALA C 259 6.51 -9.55 2.09
N ARG C 260 5.94 -10.74 2.16
CA ARG C 260 5.97 -11.68 1.04
C ARG C 260 4.63 -11.76 0.29
N MET D 1 15.59 -0.93 27.98
CA MET D 1 16.74 -0.14 27.49
C MET D 1 17.66 -0.96 26.59
N LEU D 2 18.83 -0.44 26.27
CA LEU D 2 19.74 -1.14 25.38
C LEU D 2 21.16 -1.36 25.92
N LYS D 3 21.30 -1.46 27.24
CA LYS D 3 22.61 -1.68 27.85
C LYS D 3 23.24 -2.96 27.32
N GLY D 4 24.51 -2.90 26.98
CA GLY D 4 25.20 -4.08 26.48
C GLY D 4 25.13 -4.28 24.98
N LYS D 5 24.38 -3.42 24.29
CA LYS D 5 24.24 -3.57 22.85
C LYS D 5 25.05 -2.51 22.10
N VAL D 6 25.53 -2.87 20.92
CA VAL D 6 26.30 -1.94 20.11
C VAL D 6 25.48 -1.57 18.88
N ALA D 7 25.42 -0.27 18.59
CA ALA D 7 24.65 0.20 17.46
C ALA D 7 25.48 1.05 16.52
N VAL D 8 25.48 0.64 15.26
CA VAL D 8 26.20 1.36 14.24
C VAL D 8 25.21 2.22 13.50
N VAL D 9 25.49 3.52 13.39
CA VAL D 9 24.58 4.42 12.70
C VAL D 9 25.33 5.15 11.58
N THR D 10 25.09 4.76 10.33
CA THR D 10 25.78 5.41 9.21
C THR D 10 25.30 6.83 9.05
N GLY D 11 26.18 7.71 8.59
CA GLY D 11 25.80 9.10 8.38
C GLY D 11 25.17 9.72 9.61
N SER D 12 25.80 9.49 10.76
CA SER D 12 25.28 10.01 12.02
C SER D 12 26.09 11.18 12.59
N THR D 13 26.84 11.89 11.74
CA THR D 13 27.62 13.03 12.24
C THR D 13 26.76 14.28 12.26
N SER D 14 25.53 14.18 11.75
CA SER D 14 24.61 15.31 11.74
C SER D 14 23.20 14.88 11.35
N GLY D 15 22.26 15.81 11.42
CA GLY D 15 20.88 15.55 11.06
C GLY D 15 20.20 14.37 11.71
N ILE D 16 19.46 13.62 10.90
CA ILE D 16 18.71 12.46 11.35
C ILE D 16 19.59 11.40 11.99
N GLY D 17 20.69 11.07 11.32
CA GLY D 17 21.60 10.06 11.84
C GLY D 17 22.06 10.33 13.25
N LEU D 18 22.44 11.59 13.52
CA LEU D 18 22.91 11.97 14.84
C LEU D 18 21.79 11.89 15.87
N GLY D 19 20.57 12.24 15.44
CA GLY D 19 19.44 12.17 16.36
C GLY D 19 19.16 10.73 16.75
N ILE D 20 19.34 9.81 15.80
CA ILE D 20 19.10 8.39 16.07
C ILE D 20 20.20 7.83 16.98
N ALA D 21 21.45 8.17 16.68
CA ALA D 21 22.59 7.70 17.49
C ALA D 21 22.45 8.20 18.92
N THR D 22 22.00 9.44 19.06
CA THR D 22 21.81 10.08 20.35
C THR D 22 20.72 9.38 21.17
N ALA D 23 19.60 9.04 20.52
CA ALA D 23 18.52 8.37 21.21
C ALA D 23 18.95 6.96 21.63
N LEU D 24 19.76 6.31 20.80
CA LEU D 24 20.22 4.95 21.13
C LEU D 24 21.22 5.03 22.28
N ALA D 25 22.04 6.06 22.27
CA ALA D 25 23.03 6.27 23.33
C ALA D 25 22.31 6.48 24.64
N ALA D 26 21.24 7.27 24.61
CA ALA D 26 20.45 7.56 25.81
C ALA D 26 19.83 6.31 26.41
N GLN D 27 19.73 5.24 25.62
CA GLN D 27 19.15 3.99 26.12
C GLN D 27 20.27 3.08 26.64
N GLY D 28 21.50 3.56 26.59
CA GLY D 28 22.62 2.78 27.10
C GLY D 28 23.40 1.93 26.13
N ALA D 29 23.22 2.14 24.83
CA ALA D 29 23.94 1.33 23.87
C ALA D 29 25.23 2.02 23.45
N ASP D 30 26.26 1.23 23.17
CA ASP D 30 27.52 1.80 22.73
C ASP D 30 27.25 2.20 21.30
N ILE D 31 27.88 3.27 20.85
CA ILE D 31 27.62 3.80 19.52
C ILE D 31 28.83 3.91 18.60
N VAL D 32 28.61 3.62 17.32
CA VAL D 32 29.65 3.79 16.31
C VAL D 32 29.09 4.86 15.37
N LEU D 33 29.62 6.08 15.44
CA LEU D 33 29.19 7.16 14.57
C LEU D 33 29.92 7.03 13.24
N ASN D 34 29.37 7.65 12.20
CA ASN D 34 29.95 7.61 10.87
C ASN D 34 29.49 8.82 10.07
N GLY D 35 30.33 9.26 9.13
CA GLY D 35 30.00 10.41 8.31
C GLY D 35 31.17 11.36 8.10
N PHE D 36 30.89 12.52 7.50
CA PHE D 36 31.92 13.52 7.23
C PHE D 36 31.72 14.80 8.03
N GLY D 37 32.68 15.72 7.90
CA GLY D 37 32.58 16.97 8.62
C GLY D 37 33.89 17.43 9.25
N ASP D 38 33.83 18.47 10.06
CA ASP D 38 35.00 19.01 10.71
C ASP D 38 35.50 18.07 11.82
N ALA D 39 36.79 17.77 11.78
CA ALA D 39 37.42 16.88 12.77
C ALA D 39 37.11 17.26 14.23
N ALA D 40 37.25 18.54 14.55
CA ALA D 40 36.99 18.98 15.92
C ALA D 40 35.50 18.96 16.27
N GLU D 41 34.66 19.27 15.29
CA GLU D 41 33.22 19.29 15.51
C GLU D 41 32.71 17.89 15.77
N ILE D 42 33.22 16.92 15.01
CA ILE D 42 32.84 15.53 15.18
C ILE D 42 33.33 14.98 16.53
N GLU D 43 34.56 15.33 16.91
CA GLU D 43 35.11 14.84 18.18
C GLU D 43 34.32 15.37 19.35
N LYS D 44 33.89 16.61 19.25
CA LYS D 44 33.09 17.25 20.29
C LYS D 44 31.81 16.44 20.47
N VAL D 45 31.14 16.14 19.37
CA VAL D 45 29.90 15.36 19.38
C VAL D 45 30.17 13.97 19.97
N ARG D 46 31.22 13.32 19.48
CA ARG D 46 31.59 11.98 19.94
C ARG D 46 31.91 11.94 21.43
N ALA D 47 32.83 12.80 21.86
CA ALA D 47 33.21 12.85 23.27
C ALA D 47 32.01 13.26 24.15
N GLY D 48 31.17 14.16 23.63
CA GLY D 48 30.01 14.59 24.38
C GLY D 48 28.98 13.51 24.61
N LEU D 49 28.63 12.77 23.57
CA LEU D 49 27.66 11.68 23.72
C LEU D 49 28.16 10.64 24.70
N ALA D 50 29.44 10.28 24.58
CA ALA D 50 30.04 9.28 25.46
C ALA D 50 30.03 9.72 26.92
N ALA D 51 30.39 10.98 27.15
CA ALA D 51 30.44 11.51 28.52
C ALA D 51 29.03 11.67 29.08
N GLN D 52 28.12 12.21 28.28
CA GLN D 52 26.75 12.43 28.70
C GLN D 52 25.93 11.17 28.97
N HIS D 53 26.11 10.12 28.18
CA HIS D 53 25.30 8.92 28.38
C HIS D 53 25.99 7.74 29.04
N GLY D 54 27.28 7.90 29.35
CA GLY D 54 28.01 6.81 29.99
C GLY D 54 28.19 5.58 29.12
N VAL D 55 28.35 5.77 27.82
CA VAL D 55 28.55 4.64 26.91
C VAL D 55 29.78 4.87 26.06
N LYS D 56 30.25 3.84 25.37
CA LYS D 56 31.40 4.00 24.50
C LYS D 56 30.92 4.50 23.15
N VAL D 57 31.66 5.43 22.56
CA VAL D 57 31.29 5.99 21.27
C VAL D 57 32.52 6.07 20.38
N LEU D 58 32.46 5.38 19.24
CA LEU D 58 33.54 5.39 18.28
C LEU D 58 33.12 6.17 17.05
N TYR D 59 34.08 6.76 16.36
CA TYR D 59 33.78 7.49 15.14
C TYR D 59 34.60 6.91 13.98
N ASP D 60 33.89 6.54 12.91
CA ASP D 60 34.52 5.99 11.71
C ASP D 60 34.08 6.80 10.51
N GLY D 61 35.00 7.55 9.93
CA GLY D 61 34.68 8.40 8.78
C GLY D 61 34.64 7.69 7.43
N ALA D 62 34.45 6.37 7.44
CA ALA D 62 34.40 5.58 6.23
C ALA D 62 33.45 6.16 5.18
N ASP D 63 33.87 6.11 3.92
CA ASP D 63 33.06 6.61 2.82
C ASP D 63 32.15 5.47 2.38
N LEU D 64 30.84 5.63 2.59
CA LEU D 64 29.91 4.57 2.25
C LEU D 64 29.57 4.39 0.77
N SER D 65 30.14 5.23 -0.10
CA SER D 65 29.86 5.10 -1.52
C SER D 65 30.64 3.90 -2.08
N LYS D 66 31.54 3.37 -1.25
CA LYS D 66 32.36 2.22 -1.64
C LYS D 66 31.91 0.97 -0.88
N GLY D 67 31.54 -0.05 -1.64
CA GLY D 67 31.09 -1.30 -1.04
C GLY D 67 31.99 -1.95 -0.01
N GLU D 68 33.30 -1.88 -0.19
CA GLU D 68 34.21 -2.48 0.78
C GLU D 68 34.40 -1.63 2.03
N ALA D 69 34.32 -0.31 1.87
CA ALA D 69 34.44 0.60 3.00
C ALA D 69 33.22 0.38 3.90
N VAL D 70 32.05 0.27 3.30
CA VAL D 70 30.81 0.03 4.04
C VAL D 70 30.93 -1.23 4.87
N ARG D 71 31.39 -2.30 4.23
CA ARG D 71 31.56 -3.58 4.90
C ARG D 71 32.69 -3.48 5.95
N GLY D 72 33.63 -2.56 5.71
CA GLY D 72 34.73 -2.37 6.61
C GLY D 72 34.27 -1.69 7.90
N LEU D 73 33.31 -0.78 7.75
CA LEU D 73 32.74 -0.05 8.87
C LEU D 73 32.16 -1.03 9.86
N VAL D 74 31.39 -2.00 9.34
CA VAL D 74 30.75 -3.00 10.17
C VAL D 74 31.74 -3.91 10.88
N ASP D 75 32.77 -4.37 10.16
CA ASP D 75 33.77 -5.25 10.76
C ASP D 75 34.60 -4.48 11.78
N ASN D 76 34.89 -3.22 11.46
CA ASN D 76 35.64 -2.38 12.37
C ASN D 76 34.80 -2.23 13.65
N ALA D 77 33.49 -2.08 13.50
CA ALA D 77 32.60 -1.94 14.65
C ALA D 77 32.72 -3.16 15.54
N VAL D 78 32.63 -4.34 14.94
CA VAL D 78 32.73 -5.58 15.70
C VAL D 78 34.12 -5.76 16.33
N ARG D 79 35.14 -5.26 15.64
CA ARG D 79 36.53 -5.34 16.11
C ARG D 79 36.77 -4.44 17.34
N GLN D 80 36.25 -3.22 17.28
CA GLN D 80 36.41 -2.23 18.36
C GLN D 80 35.41 -2.35 19.50
N MET D 81 34.13 -2.58 19.17
CA MET D 81 33.08 -2.68 20.18
C MET D 81 32.79 -4.12 20.62
N GLY D 82 33.31 -5.08 19.85
CA GLY D 82 33.12 -6.48 20.19
C GLY D 82 31.87 -7.19 19.68
N ARG D 83 30.94 -6.44 19.08
CA ARG D 83 29.70 -7.02 18.57
C ARG D 83 28.90 -5.94 17.85
N ILE D 84 27.83 -6.36 17.20
CA ILE D 84 26.94 -5.44 16.49
C ILE D 84 25.51 -5.95 16.67
N ASP D 85 24.71 -5.20 17.43
CA ASP D 85 23.32 -5.58 17.68
C ASP D 85 22.36 -4.82 16.81
N ILE D 86 22.73 -3.58 16.51
CA ILE D 86 21.88 -2.71 15.72
C ILE D 86 22.62 -1.98 14.64
N LEU D 87 22.11 -2.09 13.42
CA LEU D 87 22.68 -1.40 12.29
C LEU D 87 21.60 -0.49 11.69
N VAL D 88 21.89 0.80 11.64
CA VAL D 88 20.97 1.77 11.08
C VAL D 88 21.59 2.34 9.80
N ASN D 89 21.11 1.91 8.65
CA ASN D 89 21.63 2.41 7.38
C ASN D 89 20.89 3.72 7.12
N ASN D 90 21.56 4.82 7.38
CA ASN D 90 20.96 6.15 7.25
C ASN D 90 21.60 7.12 6.28
N ALA D 91 22.89 6.99 6.03
CA ALA D 91 23.55 7.93 5.13
C ALA D 91 22.82 8.01 3.78
N GLY D 92 22.67 9.24 3.27
CA GLY D 92 22.00 9.41 1.99
C GLY D 92 22.24 10.77 1.36
N ILE D 93 22.05 10.85 0.05
CA ILE D 93 22.21 12.10 -0.68
C ILE D 93 21.05 12.30 -1.64
N GLN D 94 20.87 13.53 -2.11
CA GLN D 94 19.78 13.89 -3.00
C GLN D 94 20.19 14.76 -4.19
N HIS D 95 19.45 14.66 -5.28
CA HIS D 95 19.70 15.46 -6.48
C HIS D 95 18.43 15.50 -7.32
N THR D 96 17.86 16.69 -7.50
CA THR D 96 16.63 16.84 -8.27
C THR D 96 16.88 17.25 -9.71
N ALA D 97 16.09 16.70 -10.63
CA ALA D 97 16.19 17.00 -12.07
C ALA D 97 15.34 16.03 -12.90
N LEU D 98 14.85 16.52 -14.03
CA LEU D 98 14.04 15.70 -14.93
C LEU D 98 14.84 14.49 -15.37
N ILE D 99 14.15 13.36 -15.54
CA ILE D 99 14.77 12.12 -15.95
C ILE D 99 15.72 12.28 -17.16
N GLU D 100 15.38 13.20 -18.04
CA GLU D 100 16.17 13.47 -19.25
C GLU D 100 17.35 14.40 -18.99
N ASP D 101 17.20 15.28 -18.01
CA ASP D 101 18.25 16.23 -17.63
C ASP D 101 19.03 15.69 -16.44
N PHE D 102 18.79 14.42 -16.12
CA PHE D 102 19.43 13.78 -14.98
C PHE D 102 20.82 13.23 -15.26
N PRO D 103 21.86 13.78 -14.60
CA PRO D 103 23.26 13.36 -14.77
C PRO D 103 23.46 11.90 -14.34
N THR D 104 23.93 11.07 -15.26
CA THR D 104 24.18 9.66 -14.99
C THR D 104 25.08 9.48 -13.78
N GLU D 105 25.96 10.45 -13.58
CA GLU D 105 26.89 10.43 -12.46
C GLU D 105 26.07 10.45 -11.17
N LYS D 106 25.14 11.41 -11.10
CA LYS D 106 24.29 11.56 -9.94
C LYS D 106 23.40 10.35 -9.73
N TRP D 107 22.97 9.72 -10.82
CA TRP D 107 22.12 8.54 -10.72
C TRP D 107 22.82 7.37 -10.06
N ASP D 108 24.06 7.13 -10.45
CA ASP D 108 24.81 6.01 -9.89
C ASP D 108 25.35 6.30 -8.50
N ALA D 109 25.50 7.59 -8.18
CA ALA D 109 25.99 7.97 -6.87
C ALA D 109 24.83 7.73 -5.88
N ILE D 110 23.69 8.34 -6.18
CA ILE D 110 22.49 8.20 -5.35
C ILE D 110 22.15 6.74 -5.13
N LEU D 111 22.40 5.91 -6.14
CA LEU D 111 22.10 4.49 -6.04
C LEU D 111 23.10 3.72 -5.16
N ALA D 112 24.38 4.08 -5.24
CA ALA D 112 25.40 3.40 -4.44
C ALA D 112 25.30 3.72 -2.95
N LEU D 113 25.05 4.98 -2.62
CA LEU D 113 24.94 5.37 -1.22
C LEU D 113 23.57 4.95 -0.66
N ASN D 114 22.51 5.59 -1.18
CA ASN D 114 21.14 5.34 -0.74
C ASN D 114 20.65 3.89 -0.85
N LEU D 115 21.20 3.10 -1.77
CA LEU D 115 20.73 1.72 -1.91
C LEU D 115 21.77 0.60 -1.74
N SER D 116 22.90 0.71 -2.43
CA SER D 116 23.94 -0.32 -2.33
C SER D 116 24.52 -0.42 -0.92
N ALA D 117 24.74 0.73 -0.28
CA ALA D 117 25.28 0.76 1.07
C ALA D 117 24.43 -0.08 2.03
N VAL D 118 23.11 -0.02 1.85
CA VAL D 118 22.21 -0.81 2.71
C VAL D 118 22.54 -2.28 2.52
N PHE D 119 22.71 -2.67 1.26
CA PHE D 119 23.03 -4.05 0.91
C PHE D 119 24.39 -4.46 1.50
N HIS D 120 25.42 -3.71 1.17
CA HIS D 120 26.75 -4.03 1.68
C HIS D 120 26.77 -4.07 3.20
N GLY D 121 26.26 -3.01 3.83
CA GLY D 121 26.24 -2.96 5.28
C GLY D 121 25.50 -4.12 5.92
N THR D 122 24.38 -4.51 5.31
CA THR D 122 23.56 -5.61 5.81
C THR D 122 24.25 -6.96 5.66
N ALA D 123 24.87 -7.21 4.51
CA ALA D 123 25.56 -8.48 4.29
C ALA D 123 26.64 -8.68 5.36
N ALA D 124 27.33 -7.60 5.71
CA ALA D 124 28.40 -7.67 6.71
C ALA D 124 27.89 -7.95 8.10
N ALA D 125 26.74 -7.37 8.42
CA ALA D 125 26.15 -7.52 9.75
C ALA D 125 25.42 -8.84 10.01
N LEU D 126 24.77 -9.39 8.99
CA LEU D 126 24.00 -10.62 9.17
C LEU D 126 24.73 -11.80 9.79
N PRO D 127 25.95 -12.12 9.31
CA PRO D 127 26.70 -13.26 9.89
C PRO D 127 26.82 -13.10 11.40
N HIS D 128 27.18 -11.90 11.84
CA HIS D 128 27.35 -11.60 13.26
C HIS D 128 26.03 -11.67 14.04
N MET D 129 24.97 -11.12 13.46
CA MET D 129 23.66 -11.13 14.11
C MET D 129 23.06 -12.54 14.19
N LYS D 130 23.27 -13.35 13.16
CA LYS D 130 22.74 -14.72 13.15
C LYS D 130 23.48 -15.57 14.19
N LYS D 131 24.78 -15.32 14.33
CA LYS D 131 25.59 -16.05 15.30
C LYS D 131 25.17 -15.62 16.71
N GLN D 132 24.89 -14.32 16.86
CA GLN D 132 24.48 -13.75 18.14
C GLN D 132 23.07 -14.17 18.57
N GLY D 133 22.21 -14.44 17.61
CA GLY D 133 20.84 -14.82 17.92
C GLY D 133 19.98 -13.57 18.13
N PHE D 134 20.52 -12.41 17.77
CA PHE D 134 19.83 -11.15 17.92
C PHE D 134 20.37 -10.09 16.96
N GLY D 135 19.48 -9.23 16.51
CA GLY D 135 19.89 -8.17 15.59
C GLY D 135 18.71 -7.27 15.27
N ARG D 136 19.02 -6.06 14.81
CA ARG D 136 18.01 -5.08 14.44
C ARG D 136 18.58 -4.20 13.36
N ILE D 137 18.11 -4.38 12.13
CA ILE D 137 18.56 -3.56 11.02
C ILE D 137 17.45 -2.54 10.81
N ILE D 138 17.81 -1.27 10.96
CA ILE D 138 16.85 -0.19 10.82
C ILE D 138 17.28 0.69 9.66
N ASN D 139 16.58 0.55 8.55
CA ASN D 139 16.90 1.31 7.37
C ASN D 139 16.07 2.56 7.34
N ILE D 140 16.74 3.68 7.08
CA ILE D 140 16.06 4.94 7.00
C ILE D 140 15.78 5.15 5.53
N ALA D 141 14.56 4.84 5.12
CA ALA D 141 14.16 5.01 3.74
C ALA D 141 13.58 6.41 3.61
N SER D 142 12.29 6.50 3.31
CA SER D 142 11.64 7.80 3.13
C SER D 142 10.20 7.62 2.68
N ALA D 143 9.43 8.69 2.74
CA ALA D 143 8.05 8.62 2.26
C ALA D 143 8.18 8.25 0.78
N HIS D 144 9.31 8.63 0.19
CA HIS D 144 9.59 8.36 -1.22
C HIS D 144 9.99 6.93 -1.51
N GLY D 145 9.87 6.08 -0.49
CA GLY D 145 10.17 4.68 -0.68
C GLY D 145 8.83 4.00 -0.92
N LEU D 146 7.76 4.76 -0.73
CA LEU D 146 6.40 4.25 -0.88
C LEU D 146 5.64 4.99 -1.98
N VAL D 147 5.89 6.29 -2.08
CA VAL D 147 5.28 7.14 -3.10
C VAL D 147 6.40 7.92 -3.81
N ALA D 148 6.06 8.72 -4.80
CA ALA D 148 7.07 9.46 -5.54
C ALA D 148 6.75 10.93 -5.74
N SER D 149 7.77 11.68 -6.14
CA SER D 149 7.65 13.11 -6.42
C SER D 149 8.32 13.36 -7.77
N ALA D 150 8.01 14.50 -8.36
CA ALA D 150 8.58 14.89 -9.65
C ALA D 150 10.01 15.37 -9.46
N ASN D 151 10.89 14.98 -10.38
CA ASN D 151 12.31 15.39 -10.35
C ASN D 151 13.19 14.71 -9.31
N LYS D 152 12.83 13.52 -8.85
CA LYS D 152 13.62 12.81 -7.86
C LYS D 152 13.67 11.34 -8.19
N SER D 153 13.74 11.04 -9.49
CA SER D 153 13.78 9.68 -9.99
C SER D 153 14.76 8.74 -9.31
N ALA D 154 16.02 9.15 -9.20
CA ALA D 154 17.04 8.31 -8.56
C ALA D 154 16.73 8.15 -7.08
N TYR D 155 16.40 9.25 -6.42
CA TYR D 155 16.10 9.20 -5.01
C TYR D 155 14.94 8.22 -4.73
N VAL D 156 13.81 8.42 -5.40
CA VAL D 156 12.62 7.59 -5.26
C VAL D 156 12.93 6.16 -5.61
N ALA D 157 13.67 5.98 -6.69
CA ALA D 157 14.05 4.65 -7.14
C ALA D 157 14.86 3.92 -6.08
N ALA D 158 15.83 4.61 -5.50
CA ALA D 158 16.70 4.04 -4.47
C ALA D 158 15.92 3.67 -3.20
N LYS D 159 15.08 4.59 -2.74
CA LYS D 159 14.28 4.37 -1.53
C LYS D 159 13.35 3.16 -1.66
N HIS D 160 12.71 3.02 -2.82
CA HIS D 160 11.82 1.89 -3.05
C HIS D 160 12.65 0.61 -2.98
N GLY D 161 13.84 0.63 -3.57
CA GLY D 161 14.71 -0.54 -3.55
C GLY D 161 15.05 -0.91 -2.11
N VAL D 162 15.32 0.11 -1.30
CA VAL D 162 15.62 -0.12 0.12
C VAL D 162 14.42 -0.81 0.76
N VAL D 163 13.23 -0.25 0.56
CA VAL D 163 12.00 -0.83 1.12
C VAL D 163 11.91 -2.32 0.75
N GLY D 164 12.05 -2.61 -0.55
CA GLY D 164 12.00 -3.98 -0.99
C GLY D 164 13.13 -4.81 -0.40
N PHE D 165 14.32 -4.23 -0.33
CA PHE D 165 15.46 -4.94 0.24
C PHE D 165 15.18 -5.29 1.70
N THR D 166 14.57 -4.35 2.40
CA THR D 166 14.26 -4.55 3.82
C THR D 166 13.39 -5.78 4.01
N LYS D 167 12.39 -5.93 3.13
CA LYS D 167 11.48 -7.07 3.22
C LYS D 167 12.22 -8.40 3.00
N VAL D 168 13.13 -8.44 2.03
CA VAL D 168 13.88 -9.68 1.78
C VAL D 168 14.73 -9.98 3.01
N THR D 169 15.44 -8.97 3.53
CA THR D 169 16.28 -9.15 4.72
C THR D 169 15.49 -9.79 5.83
N ALA D 170 14.25 -9.33 6.02
CA ALA D 170 13.38 -9.86 7.05
C ALA D 170 12.98 -11.30 6.79
N LEU D 171 12.64 -11.62 5.54
CA LEU D 171 12.26 -12.99 5.22
C LEU D 171 13.46 -13.94 5.44
N GLU D 172 14.63 -13.54 4.95
CA GLU D 172 15.84 -14.35 5.10
C GLU D 172 16.27 -14.56 6.55
N THR D 173 15.75 -13.74 7.46
CA THR D 173 16.13 -13.85 8.87
C THR D 173 14.99 -14.17 9.82
N ALA D 174 13.77 -14.27 9.29
CA ALA D 174 12.57 -14.55 10.08
C ALA D 174 12.76 -15.62 11.13
N GLY D 175 12.41 -15.30 12.37
CA GLY D 175 12.52 -16.26 13.46
C GLY D 175 13.88 -16.41 14.13
N GLN D 176 14.92 -15.81 13.55
CA GLN D 176 16.25 -15.92 14.13
C GLN D 176 16.60 -14.81 15.14
N GLY D 177 15.60 -14.12 15.67
CA GLY D 177 15.89 -13.05 16.61
C GLY D 177 16.38 -11.81 15.89
N ILE D 178 16.12 -11.74 14.59
CA ILE D 178 16.52 -10.59 13.80
C ILE D 178 15.32 -10.02 13.03
N THR D 179 15.23 -8.69 13.01
CA THR D 179 14.17 -8.02 12.28
C THR D 179 14.83 -6.94 11.45
N ALA D 180 14.17 -6.55 10.37
CA ALA D 180 14.65 -5.51 9.48
C ALA D 180 13.41 -4.72 9.09
N ASN D 181 13.44 -3.42 9.36
CA ASN D 181 12.31 -2.58 9.04
C ASN D 181 12.84 -1.28 8.50
N ALA D 182 12.00 -0.57 7.75
CA ALA D 182 12.41 0.68 7.16
C ALA D 182 11.55 1.84 7.66
N ILE D 183 12.20 2.82 8.29
CA ILE D 183 11.49 3.99 8.76
C ILE D 183 11.38 4.89 7.52
N CYS D 184 10.17 5.37 7.22
CA CYS D 184 9.98 6.23 6.06
C CYS D 184 9.52 7.61 6.50
N PRO D 185 10.47 8.53 6.73
CA PRO D 185 10.03 9.85 7.16
C PRO D 185 9.64 10.84 6.08
N GLY D 186 8.87 11.83 6.50
CA GLY D 186 8.44 12.89 5.62
C GLY D 186 9.46 13.99 5.85
N TRP D 187 9.06 15.25 5.65
CA TRP D 187 9.97 16.39 5.79
C TRP D 187 10.60 16.59 7.17
N VAL D 188 11.94 16.61 7.20
CA VAL D 188 12.72 16.85 8.41
C VAL D 188 13.54 18.10 8.09
N ARG D 189 13.35 19.19 8.85
CA ARG D 189 14.09 20.41 8.55
C ARG D 189 15.59 20.30 8.85
N SER D 190 16.31 19.75 7.87
CA SER D 190 17.76 19.56 7.96
C SER D 190 18.40 20.01 6.64
N PRO D 191 19.75 20.02 6.57
CA PRO D 191 20.47 20.44 5.35
C PRO D 191 19.97 19.83 4.05
N LEU D 192 19.58 18.56 4.08
CA LEU D 192 19.07 17.88 2.89
C LEU D 192 17.80 18.57 2.37
N VAL D 193 17.09 19.26 3.26
CA VAL D 193 15.86 19.95 2.89
C VAL D 193 16.07 21.47 2.77
N GLU D 194 17.05 21.99 3.50
CA GLU D 194 17.35 23.42 3.48
C GLU D 194 17.92 23.82 2.12
N LYS D 195 18.52 22.86 1.42
CA LYS D 195 19.08 23.11 0.09
C LYS D 195 17.96 23.14 -0.95
N GLN D 196 16.80 22.61 -0.57
CA GLN D 196 15.63 22.56 -1.45
C GLN D 196 14.67 23.71 -1.12
N ILE D 197 14.66 24.13 0.15
CA ILE D 197 13.81 25.23 0.59
C ILE D 197 14.23 26.50 -0.13
N SER D 198 15.54 26.63 -0.36
CA SER D 198 16.10 27.79 -1.04
C SER D 198 15.85 27.72 -2.55
N ALA D 199 15.83 26.49 -3.07
CA ALA D 199 15.60 26.28 -4.50
C ALA D 199 14.11 26.38 -4.82
N ARG D 213 6.51 27.77 5.59
CA ARG D 213 5.54 26.81 6.11
C ARG D 213 4.61 26.36 4.99
N GLU D 214 5.03 26.60 3.76
CA GLU D 214 4.25 26.24 2.58
C GLU D 214 4.91 25.11 1.79
N LEU D 215 6.13 24.74 2.19
CA LEU D 215 6.85 23.64 1.54
C LEU D 215 6.24 22.37 2.10
N LEU D 216 5.74 22.49 3.33
CA LEU D 216 5.10 21.36 4.00
C LEU D 216 3.71 21.18 3.42
N SER D 217 3.02 22.30 3.23
CA SER D 217 1.66 22.32 2.72
C SER D 217 1.35 21.41 1.54
N GLU D 218 2.36 21.13 0.72
CA GLU D 218 2.16 20.28 -0.45
C GLU D 218 2.21 18.78 -0.16
N LYS D 219 3.08 18.39 0.78
CA LYS D 219 3.24 16.97 1.09
C LYS D 219 2.87 16.51 2.50
N GLN D 220 2.98 17.42 3.47
CA GLN D 220 2.76 17.07 4.88
C GLN D 220 1.54 17.68 5.55
N PRO D 221 0.40 16.97 5.54
CA PRO D 221 -0.85 17.42 6.14
C PRO D 221 -0.77 18.12 7.50
N SER D 222 0.03 17.58 8.41
CA SER D 222 0.16 18.17 9.74
C SER D 222 0.78 19.57 9.73
N LEU D 223 1.44 19.94 8.63
CA LEU D 223 2.09 21.25 8.52
C LEU D 223 3.15 21.44 9.62
N GLN D 224 3.70 20.33 10.10
CA GLN D 224 4.71 20.34 11.13
C GLN D 224 5.82 19.40 10.66
N PHE D 225 7.06 19.82 10.87
CA PHE D 225 8.19 18.99 10.47
C PHE D 225 8.39 17.84 11.43
N VAL D 226 8.98 16.76 10.92
CA VAL D 226 9.32 15.59 11.71
C VAL D 226 10.69 15.95 12.31
N THR D 227 10.96 15.56 13.56
CA THR D 227 12.25 15.87 14.19
C THR D 227 13.18 14.66 14.30
N PRO D 228 14.49 14.91 14.37
CA PRO D 228 15.49 13.84 14.48
C PRO D 228 15.23 13.09 15.79
N GLU D 229 14.76 13.82 16.80
CA GLU D 229 14.45 13.22 18.09
C GLU D 229 13.35 12.16 17.93
N GLN D 230 12.28 12.51 17.21
CA GLN D 230 11.18 11.57 16.97
C GLN D 230 11.65 10.34 16.20
N LEU D 231 12.45 10.53 15.14
CA LEU D 231 12.94 9.39 14.37
C LEU D 231 13.81 8.52 15.29
N GLY D 232 14.55 9.17 16.19
CA GLY D 232 15.36 8.42 17.11
C GLY D 232 14.48 7.60 18.04
N GLY D 233 13.39 8.19 18.51
CA GLY D 233 12.49 7.47 19.40
C GLY D 233 11.88 6.27 18.67
N THR D 234 11.69 6.43 17.37
CA THR D 234 11.15 5.37 16.52
C THR D 234 12.20 4.26 16.38
N ALA D 235 13.46 4.64 16.16
CA ALA D 235 14.52 3.63 16.03
C ALA D 235 14.64 2.87 17.34
N VAL D 236 14.46 3.58 18.45
CA VAL D 236 14.51 2.98 19.77
C VAL D 236 13.38 1.98 19.96
N PHE D 237 12.18 2.34 19.52
CA PHE D 237 11.05 1.42 19.65
C PHE D 237 11.30 0.15 18.83
N LEU D 238 11.77 0.33 17.60
CA LEU D 238 12.05 -0.80 16.73
C LEU D 238 13.09 -1.74 17.32
N ALA D 239 14.04 -1.17 18.07
CA ALA D 239 15.09 -1.98 18.67
C ALA D 239 14.65 -2.64 19.98
N SER D 240 13.52 -2.20 20.54
CA SER D 240 13.01 -2.76 21.79
C SER D 240 12.48 -4.16 21.55
N ASP D 241 12.24 -4.91 22.63
CA ASP D 241 11.72 -6.26 22.51
C ASP D 241 10.23 -6.26 22.12
N ALA D 242 9.53 -5.16 22.39
CA ALA D 242 8.13 -5.08 22.05
C ALA D 242 7.98 -5.15 20.53
N ALA D 243 9.10 -4.92 19.83
CA ALA D 243 9.08 -4.94 18.38
C ALA D 243 9.71 -6.20 17.79
N ALA D 244 9.84 -7.25 18.59
CA ALA D 244 10.45 -8.50 18.11
C ALA D 244 9.73 -9.07 16.90
N GLN D 245 8.40 -8.97 16.89
CA GLN D 245 7.63 -9.50 15.76
C GLN D 245 7.28 -8.46 14.70
N ILE D 246 7.93 -7.30 14.75
CA ILE D 246 7.74 -6.29 13.74
C ILE D 246 8.95 -6.46 12.83
N THR D 247 8.73 -6.95 11.62
CA THR D 247 9.82 -7.16 10.68
C THR D 247 9.33 -7.22 9.24
N GLY D 248 10.13 -6.66 8.34
CA GLY D 248 9.77 -6.66 6.92
C GLY D 248 8.75 -5.60 6.58
N THR D 249 8.63 -4.59 7.43
CA THR D 249 7.65 -3.55 7.15
C THR D 249 8.20 -2.12 7.22
N THR D 250 7.34 -1.17 6.88
CA THR D 250 7.71 0.23 6.90
C THR D 250 6.95 0.95 8.00
N VAL D 251 7.59 1.94 8.62
CA VAL D 251 6.94 2.74 9.65
C VAL D 251 7.05 4.16 9.15
N SER D 252 5.90 4.73 8.77
CA SER D 252 5.87 6.09 8.27
C SER D 252 5.72 7.15 9.36
N VAL D 253 6.62 8.11 9.35
CA VAL D 253 6.63 9.24 10.29
C VAL D 253 6.61 10.40 9.31
N ASP D 254 5.42 10.70 8.78
CA ASP D 254 5.29 11.73 7.76
C ASP D 254 4.18 12.75 7.90
N GLY D 255 3.56 12.86 9.07
CA GLY D 255 2.49 13.84 9.24
C GLY D 255 1.32 13.67 8.29
N GLY D 256 1.09 12.44 7.84
CA GLY D 256 -0.01 12.18 6.94
C GLY D 256 0.33 12.22 5.46
N TRP D 257 1.61 12.43 5.15
CA TRP D 257 2.07 12.50 3.77
C TRP D 257 1.47 11.42 2.87
N THR D 258 1.69 10.16 3.23
CA THR D 258 1.21 9.04 2.43
C THR D 258 -0.23 8.58 2.67
N ALA D 259 -0.94 9.21 3.60
CA ALA D 259 -2.32 8.81 3.89
C ALA D 259 -3.28 9.27 2.77
N ARG D 260 -2.89 10.31 2.04
CA ARG D 260 -3.70 10.85 0.96
C ARG D 260 -3.04 10.69 -0.42
PA NAD E . -23.48 8.64 -10.70
O1A NAD E . -24.33 9.25 -9.64
O2A NAD E . -23.37 9.33 -12.03
O5B NAD E . -23.95 7.14 -10.88
C5B NAD E . -24.37 6.33 -9.74
C4B NAD E . -25.37 5.31 -10.21
O4B NAD E . -25.75 4.59 -8.97
C3B NAD E . -26.71 5.92 -10.76
O3B NAD E . -27.00 5.30 -12.05
C2B NAD E . -27.76 5.59 -9.73
O2B NAD E . -29.08 5.50 -10.12
C1B NAD E . -27.14 4.33 -9.07
N9A NAD E . -27.66 4.21 -7.72
C8A NAD E . -27.66 5.04 -6.61
N7A NAD E . -28.26 4.53 -5.56
C5A NAD E . -28.71 3.32 -5.91
C6A NAD E . -29.46 2.28 -5.20
N6A NAD E . -29.84 2.41 -3.95
N1A NAD E . -29.73 1.13 -5.96
C2A NAD E . -29.37 0.93 -7.24
N3A NAD E . -28.66 1.90 -7.96
C4A NAD E . -28.35 3.08 -7.26
O3 NAD E . -21.99 8.49 -10.16
PN NAD E . -20.64 7.75 -10.75
O1N NAD E . -19.52 8.65 -10.51
O2N NAD E . -20.93 7.23 -12.12
O5D NAD E . -20.53 6.55 -9.67
C5D NAD E . -20.27 5.19 -10.10
C4D NAD E . -19.29 4.53 -9.19
O4D NAD E . -17.95 5.15 -9.38
C3D NAD E . -19.61 4.71 -7.65
O3D NAD E . -19.41 3.47 -6.94
C2D NAD E . -18.58 5.77 -7.21
O2D NAD E . -18.35 5.77 -5.83
C1D NAD E . -17.35 5.36 -8.10
N1N NAD E . -16.27 6.42 -8.19
C2N NAD E . -16.64 7.75 -8.65
C3N NAD E . -15.77 8.53 -9.30
C7N NAD E . -16.13 9.93 -9.77
O7N NAD E . -15.30 10.84 -9.59
N7N NAD E . -17.30 10.16 -10.36
C4N NAD E . -14.35 8.05 -9.60
C5N NAD E . -13.91 6.96 -8.65
C6N NAD E . -14.90 6.03 -8.20
CA 3HL F . -14.91 10.34 -5.80
CB 3HL F . -13.51 9.69 -5.85
OG1 3HL F . -13.74 8.28 -5.86
CG2 3HL F . -12.75 10.24 -7.05
C 3HL F . -15.18 11.12 -4.51
OA 3HL F . -14.32 11.13 -3.61
OB 3HL F . -16.26 11.73 -4.40
MG MG G . -0.27 9.06 -1.81
MG MG H . 1.49 -10.88 0.44
PA NAD I . -10.81 -11.85 21.93
O1A NAD I . -12.09 -12.52 21.56
O2A NAD I . -9.89 -12.53 22.89
O5B NAD I . -11.20 -10.41 22.46
C5B NAD I . -12.32 -9.64 21.92
C4B NAD I . -12.79 -8.69 22.99
O4B NAD I . -13.92 -8.00 22.34
C3B NAD I . -13.40 -9.38 24.25
O3B NAD I . -12.79 -8.77 25.43
C2B NAD I . -14.88 -9.11 24.19
O2B NAD I . -15.58 -9.08 25.37
C1B NAD I . -14.91 -7.82 23.34
N9A NAD I . -16.16 -7.73 22.63
C8A NAD I . -16.74 -8.52 21.63
N7A NAD I . -17.90 -8.09 21.23
C5A NAD I . -18.19 -6.99 21.94
C6A NAD I . -19.33 -6.07 21.95
N6A NAD I . -20.37 -6.23 21.16
N1A NAD I . -19.22 -5.02 22.86
C2A NAD I . -18.18 -4.81 23.69
N3A NAD I . -17.08 -5.65 23.72
C4A NAD I . -17.12 -6.74 22.83
O3 NAD I . -9.97 -11.56 20.61
PN NAD I . -8.58 -10.73 20.31
O1N NAD I . -7.72 -11.56 19.46
O2N NAD I . -8.08 -10.18 21.60
O5D NAD I . -9.22 -9.58 19.34
C5D NAD I . -8.87 -8.16 19.53
C4D NAD I . -8.79 -7.43 18.24
O4D NAD I . -7.58 -7.87 17.50
C3D NAD I . -9.98 -7.70 17.23
O3D NAD I . -10.43 -6.47 16.61
C2D NAD I . -9.38 -8.65 16.18
O2D NAD I . -10.08 -8.62 14.97
C1D NAD I . -7.90 -8.12 16.12
N1N NAD I . -6.91 -9.10 15.53
C2N NAD I . -6.67 -10.34 16.24
C3N NAD I . -5.74 -11.21 15.82
C7N NAD I . -5.47 -12.50 16.54
O7N NAD I . -4.60 -13.27 16.08
N7N NAD I . -6.15 -12.79 17.66
C4N NAD I . -4.91 -10.92 14.56
C5N NAD I . -4.79 -9.43 14.34
C6N NAD I . -5.95 -8.65 14.58
PA NAD J . 22.17 15.10 6.20
O1A NAD J . 22.93 15.44 4.95
O2A NAD J . 21.97 16.17 7.24
O5B NAD J . 22.87 13.82 6.84
C5B NAD J . 23.55 12.81 6.02
C4B NAD J . 24.74 12.28 6.78
O4B NAD J . 25.33 11.31 5.84
C3B NAD J . 25.87 13.32 7.06
O3B NAD J . 26.22 13.27 8.49
C2B NAD J . 27.05 12.93 6.19
O2B NAD J . 28.32 13.21 6.64
C1B NAD J . 26.74 11.44 5.91
N9A NAD J . 27.20 11.07 4.57
C8A NAD J . 26.97 11.61 3.30
N7A NAD J . 27.59 10.95 2.34
C5A NAD J . 28.26 9.94 2.91
C6A NAD J . 29.13 8.87 2.38
N6A NAD J . 29.39 8.74 1.10
N1A NAD J . 29.63 7.99 3.35
C2A NAD J . 29.39 8.06 4.67
N3A NAD J . 28.58 9.06 5.23
C4A NAD J . 28.04 9.98 4.31
O3 NAD J . 20.72 14.57 5.79
PN NAD J . 19.45 13.93 6.61
O1N NAD J . 18.26 14.73 6.32
O2N NAD J . 19.89 13.68 8.03
O5D NAD J . 19.31 12.53 5.78
C5D NAD J . 19.64 11.26 6.41
C4D NAD J . 18.83 10.16 5.82
O4D NAD J . 17.37 10.50 5.93
C3D NAD J . 19.07 9.91 4.28
O3D NAD J . 19.14 8.49 3.99
C2D NAD J . 17.83 10.52 3.61
O2D NAD J . 17.59 10.01 2.33
C1D NAD J . 16.72 10.22 4.68
N1N NAD J . 15.48 11.07 4.54
C2N NAD J . 15.56 12.48 4.91
C3N NAD J . 14.48 13.27 4.83
C7N NAD J . 14.53 14.74 5.21
O7N NAD J . 13.56 15.46 4.87
N7N NAD J . 15.57 15.23 5.89
C4N NAD J . 13.14 12.72 4.34
C5N NAD J . 13.04 11.24 4.60
C6N NAD J . 14.21 10.46 4.39
#